data_6V15
#
_entry.id   6V15
#
_cell.length_a   149.995
_cell.length_b   56.548
_cell.length_c   136.198
_cell.angle_alpha   90.000
_cell.angle_beta   92.205
_cell.angle_gamma   90.000
#
_symmetry.space_group_name_H-M   'C 1 2 1'
#
loop_
_entity.id
_entity.type
_entity.pdbx_description
1 polymer 'HLA class II histocompatibility antigen, DR alpha chain'
2 polymer 'HLA class II histocompatibility antigen, DRB1-4 beta chain'
3 polymer 'Fibrinogen beta 72,74cit69-81'
4 polymer 'G08 TCR alpha chain'
5 polymer 'G08 TCR beta chain'
6 non-polymer 2-acetamido-2-deoxy-beta-D-glucopyranose
7 non-polymer GLYCEROL
8 water water
#
loop_
_entity_poly.entity_id
_entity_poly.type
_entity_poly.pdbx_seq_one_letter_code
_entity_poly.pdbx_strand_id
1 'polypeptide(L)'
;IKEEHVIIQAEFYLNPDQSGEFMFDFDGDEIFHVDMAKKETVWRLEEFGRFASFEAQGALANIAVDKANLEIMTKRSNYT
PITNVPPEVTVLTNSPVELREPNVLICFIDKFTPPVVNVTWLRNGKPVTTGVSETVFLPREDHLFRKFHYLPFLPSTEDV
YDCRVEHWGLDEPLLKHWEFDTSGDDDDK
;
A
2 'polypeptide(L)'
;GDTRPRFLEQVKHECHFFNGTERVRFLDRYFYHQEEYVRFDSDVGEYRAVTELGRPDAEYWNSQKDLLEQKRAAVDTYCR
HNYGVGESFTVQRRVYPEVTVYPAKTQPLQHHNLLVCSVNGFYPGSIEVRWFRNGQEEKTGVVSTGLIQNGDWTFQTLVM
LETVPRSGEVYTCQVEHPSLTSPLTVEWRATGGDDDDK
;
B
3 'polypeptide(L)' GGY(CIR)A(CIR)PAKAAAT C
4 'polypeptide(L)'
;GDSVTQTEGPVTLSEGTSLTVNCSYETKQYPTLFWYVQYPGEGPQLLFKVPKANEKGSNRGFEATYNKEATSFHLQKASV
QESDSAVYYCALSPSNTNKVVFGTGTRLQVLPNIQNPDPAVYQLRDSKSSDKSVCLFTDFDSQTNVSQSKDSDVYITDKC
VLDMRSMDFKSNSAVAWSNKSDFACANAFNNSIIPEDTFFPSPESS
;
D
5 'polypeptide(L)'
;AVFQTPNYHVTQVGNEVSFNCKQTLGHDTMYWYKQDSKKLLKIMFSYNNKQLIVNETVPRRFSPQSSDKAHLNLRIKSVE
PEDSAVYLCASSLDWGVNTLYFGAGTRLSVLEDLNKVFPPEVAVFEPSEAEISHTQKATLVCLATGFFPDHVELSWWVNG
KEVHSGVCTDPQPLKEQPALNDSRYALSSRLRVSATFWQNPRNHFRCQVQFYGLSENDEWTQDRAKPVTQIVSAEAWGRA
D
;
E
#
loop_
_chem_comp.id
_chem_comp.type
_chem_comp.name
_chem_comp.formula
GOL non-polymer GLYCEROL 'C3 H8 O3'
NAG D-saccharide, beta linking 2-acetamido-2-deoxy-beta-D-glucopyranose 'C8 H15 N O6'
#
# COMPACT_ATOMS: atom_id res chain seq x y z
N GLU A 4 23.55 -2.27 -22.50
CA GLU A 4 24.25 -3.46 -22.06
C GLU A 4 23.29 -4.59 -21.71
N HIS A 5 22.20 -4.23 -21.02
CA HIS A 5 21.19 -5.21 -20.63
C HIS A 5 19.82 -4.55 -20.65
N VAL A 6 18.79 -5.37 -20.83
CA VAL A 6 17.39 -4.92 -20.85
C VAL A 6 16.54 -5.94 -20.11
N ILE A 7 15.80 -5.48 -19.10
CA ILE A 7 14.87 -6.31 -18.35
C ILE A 7 13.46 -5.79 -18.59
N ILE A 8 12.55 -6.69 -18.96
CA ILE A 8 11.20 -6.31 -19.34
C ILE A 8 10.20 -7.17 -18.57
N GLN A 9 9.27 -6.51 -17.89
CA GLN A 9 8.12 -7.17 -17.28
C GLN A 9 6.96 -7.08 -18.26
N ALA A 10 6.62 -8.19 -18.89
CA ALA A 10 5.67 -8.23 -19.99
C ALA A 10 4.37 -8.90 -19.54
N GLU A 11 3.25 -8.20 -19.73
CA GLU A 11 1.94 -8.70 -19.39
C GLU A 11 1.01 -8.54 -20.58
N PHE A 12 0.03 -9.45 -20.69
CA PHE A 12 -1.02 -9.29 -21.67
C PHE A 12 -2.27 -10.01 -21.20
N TYR A 13 -3.42 -9.55 -21.68
CA TYR A 13 -4.70 -10.20 -21.49
C TYR A 13 -5.43 -10.21 -22.82
N LEU A 14 -6.01 -11.35 -23.18
CA LEU A 14 -6.64 -11.54 -24.47
C LEU A 14 -8.11 -11.87 -24.30
N ASN A 15 -8.97 -11.16 -25.02
CA ASN A 15 -10.40 -11.44 -25.11
C ASN A 15 -10.76 -11.88 -26.53
N PRO A 16 -11.78 -12.73 -26.70
CA PRO A 16 -12.69 -13.24 -25.68
C PRO A 16 -12.17 -14.49 -24.99
N ASP A 17 -10.93 -14.89 -25.31
CA ASP A 17 -10.37 -16.10 -24.74
C ASP A 17 -10.21 -16.03 -23.24
N GLN A 18 -10.15 -14.83 -22.66
CA GLN A 18 -9.92 -14.62 -21.25
C GLN A 18 -8.65 -15.35 -20.79
N SER A 19 -7.54 -15.00 -21.44
CA SER A 19 -6.25 -15.61 -21.16
C SER A 19 -5.22 -14.51 -20.94
N GLY A 20 -4.34 -14.72 -19.96
CA GLY A 20 -3.33 -13.73 -19.64
C GLY A 20 -2.06 -14.39 -19.16
N GLU A 21 -0.94 -13.68 -19.33
CA GLU A 21 0.36 -14.17 -18.89
C GLU A 21 1.17 -13.02 -18.31
N PHE A 22 2.10 -13.38 -17.43
CA PHE A 22 2.95 -12.43 -16.73
C PHE A 22 4.35 -13.03 -16.66
N MET A 23 5.32 -12.36 -17.28
CA MET A 23 6.67 -12.91 -17.35
C MET A 23 7.70 -11.79 -17.29
N PHE A 24 8.92 -12.17 -16.90
CA PHE A 24 10.08 -11.30 -16.90
C PHE A 24 11.06 -11.76 -17.97
N ASP A 25 11.62 -10.80 -18.71
CA ASP A 25 12.53 -11.08 -19.81
C ASP A 25 13.86 -10.39 -19.56
N PHE A 26 14.95 -11.16 -19.63
CA PHE A 26 16.30 -10.63 -19.49
C PHE A 26 17.06 -10.93 -20.78
N ASP A 27 17.31 -9.89 -21.58
CA ASP A 27 18.10 -10.00 -22.81
C ASP A 27 17.52 -11.05 -23.76
N GLY A 28 16.20 -11.21 -23.76
CA GLY A 28 15.53 -12.12 -24.66
C GLY A 28 15.16 -13.47 -24.07
N ASP A 29 15.60 -13.76 -22.86
CA ASP A 29 15.30 -15.02 -22.19
C ASP A 29 14.33 -14.78 -21.04
N GLU A 30 13.50 -15.79 -20.77
CA GLU A 30 12.56 -15.72 -19.67
C GLU A 30 13.28 -15.98 -18.35
N ILE A 31 13.09 -15.08 -17.39
CA ILE A 31 13.53 -15.36 -16.03
C ILE A 31 12.51 -16.22 -15.30
N PHE A 32 11.25 -15.79 -15.34
CA PHE A 32 10.16 -16.56 -14.74
C PHE A 32 8.86 -16.09 -15.37
N HIS A 33 7.81 -16.88 -15.13
CA HIS A 33 6.45 -16.47 -15.43
C HIS A 33 5.57 -16.99 -14.32
N VAL A 34 4.38 -16.40 -14.19
CA VAL A 34 3.43 -16.76 -13.15
C VAL A 34 2.34 -17.63 -13.76
N ASP A 35 2.24 -18.86 -13.29
CA ASP A 35 1.17 -19.77 -13.70
C ASP A 35 -0.15 -19.22 -13.18
N MET A 36 -1.02 -18.76 -14.10
CA MET A 36 -2.25 -18.11 -13.69
C MET A 36 -3.19 -19.08 -12.98
N ALA A 37 -3.26 -20.32 -13.45
CA ALA A 37 -4.14 -21.30 -12.83
C ALA A 37 -3.65 -21.68 -11.44
N LYS A 38 -2.39 -22.09 -11.33
CA LYS A 38 -1.84 -22.52 -10.05
C LYS A 38 -1.51 -21.36 -9.12
N LYS A 39 -1.45 -20.13 -9.64
CA LYS A 39 -1.03 -18.96 -8.88
C LYS A 39 0.37 -19.18 -8.27
N GLU A 40 1.28 -19.66 -9.11
CA GLU A 40 2.64 -19.99 -8.70
C GLU A 40 3.65 -19.36 -9.64
N THR A 41 4.81 -19.01 -9.09
CA THR A 41 5.93 -18.56 -9.91
C THR A 41 6.64 -19.76 -10.51
N VAL A 42 6.90 -19.71 -11.81
CA VAL A 42 7.52 -20.81 -12.55
C VAL A 42 8.81 -20.29 -13.16
N TRP A 43 9.95 -20.74 -12.63
CA TRP A 43 11.24 -20.27 -13.11
C TRP A 43 11.65 -21.04 -14.36
N ARG A 44 12.19 -20.30 -15.34
CA ARG A 44 12.62 -20.92 -16.59
C ARG A 44 13.73 -21.94 -16.35
N LEU A 45 14.69 -21.60 -15.51
CA LEU A 45 15.71 -22.54 -15.04
C LEU A 45 15.47 -22.82 -13.57
N GLU A 46 15.42 -24.11 -13.22
CA GLU A 46 15.09 -24.51 -11.85
C GLU A 46 16.04 -23.89 -10.84
N GLU A 47 17.30 -23.64 -11.23
CA GLU A 47 18.26 -23.07 -10.30
C GLU A 47 17.92 -21.64 -9.92
N PHE A 48 17.20 -20.92 -10.79
CA PHE A 48 16.85 -19.53 -10.49
C PHE A 48 16.04 -19.42 -9.21
N GLY A 49 15.22 -20.43 -8.90
CA GLY A 49 14.39 -20.40 -7.72
C GLY A 49 15.14 -20.46 -6.41
N ARG A 50 16.42 -20.80 -6.43
CA ARG A 50 17.22 -20.85 -5.20
C ARG A 50 17.88 -19.52 -4.86
N PHE A 51 18.11 -18.66 -5.84
CA PHE A 51 18.79 -17.40 -5.61
C PHE A 51 17.85 -16.20 -5.58
N ALA A 52 16.63 -16.34 -6.09
CA ALA A 52 15.68 -15.25 -6.12
C ALA A 52 14.29 -15.78 -5.77
N SER A 53 13.35 -14.86 -5.63
CA SER A 53 11.98 -15.20 -5.33
C SER A 53 11.07 -14.11 -5.87
N PHE A 54 9.78 -14.44 -5.99
CA PHE A 54 8.80 -13.47 -6.47
C PHE A 54 7.44 -13.80 -5.87
N GLU A 55 6.76 -12.78 -5.38
CA GLU A 55 5.42 -12.92 -4.82
C GLU A 55 4.41 -12.93 -5.96
N ALA A 56 3.87 -14.11 -6.27
CA ALA A 56 3.01 -14.27 -7.43
C ALA A 56 1.70 -13.49 -7.31
N GLN A 57 1.30 -13.14 -6.09
CA GLN A 57 0.03 -12.44 -5.90
C GLN A 57 0.05 -11.06 -6.56
N GLY A 58 1.22 -10.44 -6.66
CA GLY A 58 1.30 -9.16 -7.36
C GLY A 58 1.03 -9.27 -8.83
N ALA A 59 1.38 -10.42 -9.44
CA ALA A 59 1.12 -10.62 -10.86
C ALA A 59 -0.38 -10.79 -11.11
N LEU A 60 -1.05 -11.60 -10.29
CA LEU A 60 -2.49 -11.79 -10.45
C LEU A 60 -3.23 -10.46 -10.35
N ALA A 61 -2.78 -9.57 -9.47
CA ALA A 61 -3.38 -8.25 -9.38
C ALA A 61 -3.17 -7.46 -10.67
N ASN A 62 -1.99 -7.56 -11.27
CA ASN A 62 -1.71 -6.82 -12.49
C ASN A 62 -2.52 -7.36 -13.67
N ILE A 63 -2.66 -8.68 -13.75
CA ILE A 63 -3.45 -9.25 -14.84
C ILE A 63 -4.91 -8.84 -14.72
N ALA A 64 -5.41 -8.75 -13.48
CA ALA A 64 -6.78 -8.31 -13.27
C ALA A 64 -7.00 -6.87 -13.72
N VAL A 65 -5.98 -6.02 -13.57
CA VAL A 65 -6.10 -4.64 -14.03
C VAL A 65 -6.05 -4.57 -15.54
N ASP A 66 -5.25 -5.44 -16.18
CA ASP A 66 -5.19 -5.46 -17.64
C ASP A 66 -6.49 -5.99 -18.24
N LYS A 67 -7.18 -6.90 -17.55
CA LYS A 67 -8.46 -7.39 -18.04
C LYS A 67 -9.51 -6.28 -18.02
N ALA A 68 -9.57 -5.52 -16.93
CA ALA A 68 -10.53 -4.42 -16.85
C ALA A 68 -10.15 -3.30 -17.82
N ASN A 69 -8.85 -3.04 -17.99
CA ASN A 69 -8.42 -2.01 -18.92
C ASN A 69 -8.72 -2.40 -20.36
N LEU A 70 -8.67 -3.69 -20.68
CA LEU A 70 -8.94 -4.13 -22.05
C LEU A 70 -10.36 -3.80 -22.46
N GLU A 71 -11.33 -4.01 -21.56
CA GLU A 71 -12.71 -3.62 -21.86
C GLU A 71 -12.83 -2.12 -22.07
N ILE A 72 -12.07 -1.33 -21.29
CA ILE A 72 -12.09 0.11 -21.47
C ILE A 72 -11.43 0.49 -22.79
N MET A 73 -10.25 -0.09 -23.08
CA MET A 73 -9.56 0.23 -24.32
C MET A 73 -10.32 -0.25 -25.54
N THR A 74 -11.05 -1.37 -25.43
CA THR A 74 -11.86 -1.82 -26.55
C THR A 74 -12.96 -0.82 -26.87
N LYS A 75 -13.53 -0.19 -25.83
CA LYS A 75 -14.54 0.84 -26.06
C LYS A 75 -13.94 2.06 -26.75
N ARG A 76 -12.71 2.44 -26.38
CA ARG A 76 -12.11 3.64 -26.94
C ARG A 76 -11.92 3.51 -28.44
N SER A 77 -11.56 2.32 -28.91
CA SER A 77 -11.30 2.09 -30.33
C SER A 77 -12.56 1.77 -31.12
N ASN A 78 -13.74 1.92 -30.50
CA ASN A 78 -15.01 1.53 -31.12
C ASN A 78 -14.94 0.08 -31.62
N TYR A 79 -14.35 -0.79 -30.79
CA TYR A 79 -14.38 -2.23 -30.98
C TYR A 79 -13.66 -2.65 -32.26
N THR A 80 -12.46 -2.10 -32.48
CA THR A 80 -11.62 -2.57 -33.57
C THR A 80 -10.81 -3.77 -33.09
N PRO A 81 -10.91 -4.92 -33.76
CA PRO A 81 -10.23 -6.12 -33.28
C PRO A 81 -8.75 -6.13 -33.68
N ILE A 82 -8.04 -7.12 -33.15
CA ILE A 82 -6.67 -7.36 -33.58
C ILE A 82 -6.68 -7.90 -35.00
N THR A 83 -5.65 -7.54 -35.78
CA THR A 83 -5.44 -8.12 -37.09
C THR A 83 -4.46 -9.27 -36.97
N ASN A 84 -4.87 -10.44 -37.47
CA ASN A 84 -4.04 -11.64 -37.33
C ASN A 84 -2.71 -11.45 -38.06
N VAL A 85 -1.66 -12.07 -37.51
CA VAL A 85 -0.34 -12.08 -38.11
C VAL A 85 0.17 -13.51 -38.10
N PRO A 86 0.42 -14.12 -39.24
CA PRO A 86 0.86 -15.53 -39.27
C PRO A 86 2.26 -15.67 -38.71
N PRO A 87 2.61 -16.86 -38.22
CA PRO A 87 3.94 -17.07 -37.65
C PRO A 87 4.93 -17.64 -38.65
N GLU A 88 6.21 -17.42 -38.34
CA GLU A 88 7.33 -18.06 -39.01
C GLU A 88 7.84 -19.19 -38.13
N VAL A 89 7.75 -20.43 -38.62
CA VAL A 89 8.13 -21.60 -37.85
C VAL A 89 9.45 -22.14 -38.39
N THR A 90 10.38 -22.41 -37.47
CA THR A 90 11.70 -22.94 -37.81
C THR A 90 12.01 -24.10 -36.87
N VAL A 91 12.47 -25.21 -37.44
CA VAL A 91 12.82 -26.41 -36.67
C VAL A 91 14.32 -26.62 -36.80
N LEU A 92 14.98 -26.86 -35.67
CA LEU A 92 16.43 -27.05 -35.65
C LEU A 92 16.77 -27.98 -34.49
N THR A 93 18.07 -28.02 -34.15
CA THR A 93 18.58 -28.93 -33.15
C THR A 93 19.68 -28.23 -32.37
N ASN A 94 19.61 -28.30 -31.03
CA ASN A 94 20.56 -27.56 -30.21
C ASN A 94 21.96 -28.16 -30.20
N SER A 95 22.16 -29.29 -30.86
CA SER A 95 23.46 -29.92 -30.99
C SER A 95 23.56 -30.58 -32.35
N PRO A 96 24.77 -30.75 -32.89
CA PRO A 96 24.93 -31.53 -34.12
C PRO A 96 24.46 -32.96 -33.91
N VAL A 97 23.63 -33.45 -34.83
CA VAL A 97 22.95 -34.72 -34.63
C VAL A 97 23.92 -35.87 -34.88
N GLU A 98 23.88 -36.86 -33.99
CA GLU A 98 24.71 -38.05 -34.09
C GLU A 98 23.86 -39.28 -33.79
N LEU A 99 24.11 -40.35 -34.54
CA LEU A 99 23.28 -41.54 -34.44
C LEU A 99 23.33 -42.15 -33.05
N ARG A 100 22.15 -42.42 -32.49
CA ARG A 100 22.03 -43.05 -31.17
C ARG A 100 22.69 -42.22 -30.08
N GLU A 101 22.59 -40.89 -30.20
CA GLU A 101 23.15 -39.97 -29.22
C GLU A 101 22.08 -38.94 -28.88
N PRO A 102 21.62 -38.87 -27.63
CA PRO A 102 20.44 -38.05 -27.32
C PRO A 102 20.59 -36.59 -27.74
N ASN A 103 19.47 -36.01 -28.15
CA ASN A 103 19.44 -34.64 -28.63
C ASN A 103 18.02 -34.11 -28.49
N VAL A 104 17.82 -32.84 -28.86
CA VAL A 104 16.54 -32.17 -28.71
C VAL A 104 16.21 -31.42 -29.99
N LEU A 105 14.96 -31.58 -30.47
CA LEU A 105 14.45 -30.77 -31.56
C LEU A 105 13.77 -29.52 -31.00
N ILE A 106 13.99 -28.40 -31.66
CA ILE A 106 13.50 -27.10 -31.21
C ILE A 106 12.61 -26.53 -32.30
N CYS A 107 11.30 -26.46 -32.02
CA CYS A 107 10.36 -25.78 -32.91
C CYS A 107 10.23 -24.34 -32.44
N PHE A 108 10.58 -23.40 -33.31
CA PHE A 108 10.62 -21.98 -32.97
C PHE A 108 9.53 -21.26 -33.75
N ILE A 109 8.53 -20.76 -33.03
CA ILE A 109 7.43 -20.02 -33.62
C ILE A 109 7.66 -18.54 -33.34
N ASP A 110 7.63 -17.71 -34.39
CA ASP A 110 8.09 -16.33 -34.28
C ASP A 110 7.20 -15.41 -35.09
N LYS A 111 7.12 -14.15 -34.65
CA LYS A 111 6.46 -13.07 -35.38
C LYS A 111 4.98 -13.36 -35.64
N PHE A 112 4.24 -13.53 -34.55
CA PHE A 112 2.81 -13.85 -34.67
C PHE A 112 2.02 -13.11 -33.60
N THR A 113 0.75 -12.87 -33.92
CA THR A 113 -0.25 -12.37 -32.98
C THR A 113 -1.62 -12.65 -33.58
N PRO A 114 -2.64 -12.94 -32.75
CA PRO A 114 -2.67 -13.04 -31.29
C PRO A 114 -1.91 -14.24 -30.74
N PRO A 115 -1.60 -14.23 -29.43
CA PRO A 115 -0.82 -15.34 -28.84
C PRO A 115 -1.67 -16.57 -28.52
N VAL A 116 -2.14 -17.23 -29.58
CA VAL A 116 -2.89 -18.48 -29.47
C VAL A 116 -2.39 -19.42 -30.55
N VAL A 117 -1.87 -20.57 -30.16
CA VAL A 117 -1.30 -21.52 -31.11
C VAL A 117 -1.62 -22.95 -30.69
N ASN A 118 -1.72 -23.83 -31.70
CA ASN A 118 -1.78 -25.27 -31.50
C ASN A 118 -0.52 -25.86 -32.12
N VAL A 119 0.41 -26.32 -31.28
CA VAL A 119 1.67 -26.89 -31.73
C VAL A 119 1.68 -28.37 -31.38
N THR A 120 2.01 -29.22 -32.36
CA THR A 120 2.01 -30.65 -32.17
C THR A 120 3.22 -31.25 -32.89
N TRP A 121 3.99 -32.06 -32.16
CA TRP A 121 5.10 -32.78 -32.77
C TRP A 121 4.59 -34.03 -33.49
N LEU A 122 5.17 -34.32 -34.65
CA LEU A 122 4.77 -35.46 -35.47
C LEU A 122 6.00 -36.28 -35.81
N ARG A 123 6.08 -37.50 -35.25
CA ARG A 123 7.13 -38.45 -35.58
C ARG A 123 6.55 -39.46 -36.57
N ASN A 124 7.02 -39.41 -37.81
CA ASN A 124 6.50 -40.27 -38.90
C ASN A 124 5.00 -40.05 -39.10
N GLY A 125 4.58 -38.78 -39.03
CA GLY A 125 3.20 -38.42 -39.23
C GLY A 125 2.28 -38.70 -38.06
N LYS A 126 2.80 -39.27 -36.97
CA LYS A 126 1.98 -39.57 -35.81
C LYS A 126 2.36 -38.70 -34.63
N PRO A 127 1.38 -38.19 -33.88
CA PRO A 127 1.68 -37.24 -32.81
C PRO A 127 2.54 -37.85 -31.72
N VAL A 128 3.45 -37.04 -31.17
CA VAL A 128 4.31 -37.44 -30.06
C VAL A 128 4.17 -36.41 -28.96
N THR A 129 3.86 -36.88 -27.75
CA THR A 129 3.67 -36.02 -26.60
C THR A 129 4.55 -36.41 -25.42
N THR A 130 5.38 -37.44 -25.56
CA THR A 130 6.20 -37.95 -24.45
C THR A 130 7.50 -37.15 -24.40
N GLY A 131 7.68 -36.39 -23.33
CA GLY A 131 8.89 -35.63 -23.11
C GLY A 131 8.88 -34.22 -23.65
N VAL A 132 7.83 -33.82 -24.37
CA VAL A 132 7.83 -32.51 -25.01
C VAL A 132 7.69 -31.41 -23.96
N SER A 133 8.38 -30.29 -24.19
CA SER A 133 8.30 -29.12 -23.34
C SER A 133 7.94 -27.91 -24.19
N GLU A 134 7.58 -26.83 -23.52
CA GLU A 134 7.15 -25.63 -24.23
C GLU A 134 7.37 -24.41 -23.34
N THR A 135 7.64 -23.28 -23.97
CA THR A 135 7.76 -22.00 -23.31
C THR A 135 6.45 -21.24 -23.37
N VAL A 136 6.33 -20.23 -22.51
CA VAL A 136 5.18 -19.33 -22.56
C VAL A 136 5.42 -18.34 -23.70
N PHE A 137 4.42 -17.50 -23.99
CA PHE A 137 4.54 -16.54 -25.08
C PHE A 137 5.50 -15.42 -24.68
N LEU A 138 6.58 -15.27 -25.45
CA LEU A 138 7.66 -14.33 -25.20
C LEU A 138 7.52 -13.08 -26.06
N PRO A 139 7.80 -11.92 -25.51
CA PRO A 139 7.56 -10.67 -26.23
C PRO A 139 8.62 -10.40 -27.29
N ARG A 140 8.37 -9.35 -28.08
CA ARG A 140 9.27 -8.92 -29.13
C ARG A 140 9.26 -7.41 -29.19
N GLU A 141 10.28 -6.85 -29.85
CA GLU A 141 10.37 -5.40 -29.97
C GLU A 141 9.26 -4.83 -30.84
N ASP A 142 8.85 -5.56 -31.87
CA ASP A 142 7.70 -5.15 -32.67
C ASP A 142 6.37 -5.50 -32.01
N HIS A 143 6.42 -6.09 -30.81
CA HIS A 143 5.26 -6.40 -29.98
C HIS A 143 4.39 -7.50 -30.56
N LEU A 144 4.95 -8.35 -31.41
CA LEU A 144 4.38 -9.66 -31.71
C LEU A 144 4.88 -10.63 -30.63
N PHE A 145 4.77 -11.93 -30.88
CA PHE A 145 5.16 -12.92 -29.89
C PHE A 145 6.04 -13.99 -30.53
N ARG A 146 6.67 -14.79 -29.67
CA ARG A 146 7.50 -15.90 -30.09
C ARG A 146 7.37 -17.01 -29.07
N LYS A 147 7.69 -18.24 -29.49
CA LYS A 147 7.51 -19.38 -28.60
C LYS A 147 8.44 -20.50 -29.03
N PHE A 148 8.86 -21.32 -28.06
CA PHE A 148 9.73 -22.45 -28.27
C PHE A 148 9.04 -23.73 -27.84
N HIS A 149 9.15 -24.77 -28.66
CA HIS A 149 8.71 -26.12 -28.33
C HIS A 149 9.88 -27.08 -28.48
N TYR A 150 10.04 -27.97 -27.51
CA TYR A 150 11.20 -28.86 -27.44
C TYR A 150 10.73 -30.31 -27.45
N LEU A 151 11.27 -31.09 -28.37
CA LEU A 151 11.05 -32.54 -28.41
C LEU A 151 12.39 -33.24 -28.23
N PRO A 152 12.71 -33.73 -27.03
CA PRO A 152 13.91 -34.55 -26.86
C PRO A 152 13.75 -35.88 -27.57
N PHE A 153 14.71 -36.21 -28.43
CA PHE A 153 14.61 -37.38 -29.28
C PHE A 153 15.96 -38.07 -29.36
N LEU A 154 15.92 -39.33 -29.80
CA LEU A 154 17.12 -40.09 -30.10
C LEU A 154 17.25 -40.23 -31.61
N PRO A 155 18.27 -39.65 -32.23
CA PRO A 155 18.35 -39.64 -33.70
C PRO A 155 18.49 -41.05 -34.27
N SER A 156 17.69 -41.34 -35.29
CA SER A 156 17.75 -42.61 -35.99
C SER A 156 17.56 -42.35 -37.49
N THR A 157 18.12 -43.24 -38.31
CA THR A 157 17.98 -43.11 -39.75
C THR A 157 16.57 -43.47 -40.22
N GLU A 158 15.79 -44.15 -39.38
CA GLU A 158 14.44 -44.54 -39.74
C GLU A 158 13.40 -43.46 -39.47
N ASP A 159 13.61 -42.66 -38.43
CA ASP A 159 12.58 -41.75 -37.93
C ASP A 159 12.59 -40.42 -38.66
N VAL A 160 11.41 -39.81 -38.74
CA VAL A 160 11.18 -38.55 -39.43
C VAL A 160 10.28 -37.69 -38.56
N TYR A 161 10.61 -36.40 -38.44
CA TYR A 161 9.93 -35.54 -37.49
C TYR A 161 9.33 -34.32 -38.19
N ASP A 162 8.30 -33.76 -37.55
CA ASP A 162 7.53 -32.65 -38.09
C ASP A 162 6.98 -31.82 -36.93
N CYS A 163 6.93 -30.50 -37.13
CA CYS A 163 6.29 -29.59 -36.19
C CYS A 163 5.08 -28.98 -36.87
N ARG A 164 3.89 -29.25 -36.33
CA ARG A 164 2.65 -28.76 -36.89
C ARG A 164 2.13 -27.61 -36.03
N VAL A 165 1.92 -26.46 -36.64
CA VAL A 165 1.51 -25.23 -35.94
C VAL A 165 0.20 -24.75 -36.55
N GLU A 166 -0.79 -24.51 -35.70
CA GLU A 166 -2.09 -24.01 -36.11
C GLU A 166 -2.28 -22.60 -35.56
N HIS A 167 -2.55 -21.65 -36.46
CA HIS A 167 -2.79 -20.27 -36.08
C HIS A 167 -3.92 -19.71 -36.93
N TRP A 168 -4.53 -18.62 -36.45
CA TRP A 168 -5.64 -18.01 -37.18
C TRP A 168 -5.16 -17.14 -38.33
N GLY A 169 -3.89 -16.73 -38.33
CA GLY A 169 -3.32 -16.07 -39.49
C GLY A 169 -3.05 -16.97 -40.66
N LEU A 170 -3.06 -18.29 -40.44
CA LEU A 170 -2.91 -19.28 -41.49
C LEU A 170 -4.28 -19.83 -41.89
N ASP A 171 -4.28 -20.69 -42.90
CA ASP A 171 -5.47 -21.45 -43.24
C ASP A 171 -5.27 -22.89 -42.80
N GLU A 172 -4.57 -23.67 -43.62
CA GLU A 172 -4.14 -25.00 -43.21
C GLU A 172 -2.96 -24.89 -42.25
N PRO A 173 -2.73 -25.91 -41.41
CA PRO A 173 -1.61 -25.85 -40.49
C PRO A 173 -0.28 -25.77 -41.22
N LEU A 174 0.69 -25.10 -40.59
CA LEU A 174 2.05 -25.03 -41.10
C LEU A 174 2.86 -26.18 -40.53
N LEU A 175 3.59 -26.86 -41.40
CA LEU A 175 4.27 -28.11 -41.04
C LEU A 175 5.73 -28.02 -41.49
N LYS A 176 6.64 -28.01 -40.53
CA LYS A 176 8.08 -27.93 -40.80
C LYS A 176 8.73 -29.28 -40.57
N HIS A 177 9.55 -29.69 -41.52
CA HIS A 177 10.09 -31.04 -41.62
C HIS A 177 11.52 -31.10 -41.10
N TRP A 178 11.95 -32.31 -40.73
CA TRP A 178 13.33 -32.56 -40.31
C TRP A 178 13.59 -34.06 -40.37
N GLU A 179 14.72 -34.45 -40.94
CA GLU A 179 15.09 -35.85 -41.01
C GLU A 179 16.61 -35.97 -40.91
N PHE A 180 17.15 -37.11 -41.33
CA PHE A 180 18.56 -37.49 -41.13
C PHE A 180 18.89 -37.67 -39.66
N ASP B 2 -14.10 -21.31 -34.98
CA ASP B 2 -13.95 -20.15 -34.11
C ASP B 2 -13.29 -18.99 -34.87
N THR B 3 -14.10 -18.03 -35.29
CA THR B 3 -13.62 -16.89 -36.05
C THR B 3 -14.01 -15.55 -35.41
N ARG B 4 -14.50 -15.56 -34.17
CA ARG B 4 -14.89 -14.33 -33.51
C ARG B 4 -13.67 -13.44 -33.27
N PRO B 5 -13.85 -12.12 -33.24
CA PRO B 5 -12.70 -11.22 -33.13
C PRO B 5 -11.99 -11.35 -31.79
N ARG B 6 -10.70 -11.03 -31.81
CA ARG B 6 -9.86 -11.06 -30.61
C ARG B 6 -9.44 -9.63 -30.24
N PHE B 7 -9.22 -9.41 -28.95
CA PHE B 7 -8.85 -8.11 -28.42
C PHE B 7 -7.72 -8.29 -27.41
N LEU B 8 -6.60 -7.61 -27.66
CA LEU B 8 -5.37 -7.83 -26.91
C LEU B 8 -4.91 -6.55 -26.24
N GLU B 9 -4.66 -6.62 -24.93
CA GLU B 9 -4.03 -5.54 -24.18
C GLU B 9 -2.65 -5.99 -23.73
N GLN B 10 -1.66 -5.11 -23.86
CA GLN B 10 -0.29 -5.42 -23.51
C GLN B 10 0.31 -4.32 -22.65
N VAL B 11 1.08 -4.71 -21.63
CA VAL B 11 1.79 -3.79 -20.77
C VAL B 11 3.23 -4.27 -20.66
N LYS B 12 4.19 -3.37 -20.92
CA LYS B 12 5.60 -3.70 -20.84
C LYS B 12 6.31 -2.65 -19.97
N HIS B 13 6.86 -3.10 -18.85
CA HIS B 13 7.67 -2.26 -17.97
C HIS B 13 9.13 -2.56 -18.28
N GLU B 14 9.76 -1.69 -19.06
CA GLU B 14 11.09 -1.95 -19.59
C GLU B 14 12.16 -1.23 -18.77
N CYS B 15 13.25 -1.94 -18.50
CA CYS B 15 14.41 -1.39 -17.81
C CYS B 15 15.63 -1.54 -18.71
N HIS B 16 16.24 -0.42 -19.07
CA HIS B 16 17.37 -0.38 -19.98
C HIS B 16 18.61 0.09 -19.22
N PHE B 17 19.67 -0.72 -19.26
CA PHE B 17 20.87 -0.48 -18.49
C PHE B 17 22.07 -0.24 -19.41
N PHE B 18 22.88 0.75 -19.06
CA PHE B 18 24.11 1.07 -19.78
C PHE B 18 25.24 1.16 -18.76
N ASN B 19 26.32 0.41 -19.01
CA ASN B 19 27.41 0.25 -18.05
C ASN B 19 26.86 -0.21 -16.70
N GLY B 20 26.10 -1.29 -16.74
CA GLY B 20 25.48 -1.80 -15.52
C GLY B 20 24.39 -0.85 -15.06
N THR B 21 24.38 -0.56 -13.76
CA THR B 21 23.39 0.33 -13.17
C THR B 21 23.82 1.79 -13.18
N GLU B 22 24.89 2.12 -13.91
CA GLU B 22 25.36 3.51 -13.93
C GLU B 22 24.37 4.42 -14.66
N ARG B 23 23.88 3.99 -15.81
CA ARG B 23 22.91 4.74 -16.60
C ARG B 23 21.71 3.85 -16.86
N VAL B 24 20.54 4.25 -16.34
CA VAL B 24 19.34 3.44 -16.39
C VAL B 24 18.20 4.25 -16.98
N ARG B 25 17.47 3.66 -17.93
CA ARG B 25 16.28 4.25 -18.52
C ARG B 25 15.08 3.36 -18.21
N PHE B 26 13.96 3.98 -17.86
CA PHE B 26 12.75 3.25 -17.50
C PHE B 26 11.61 3.63 -18.43
N LEU B 27 10.83 2.62 -18.83
CA LEU B 27 9.73 2.82 -19.76
C LEU B 27 8.51 2.02 -19.29
N ASP B 28 7.45 2.73 -18.94
CA ASP B 28 6.16 2.11 -18.60
C ASP B 28 5.26 2.25 -19.81
N ARG B 29 5.04 1.14 -20.51
CA ARG B 29 4.40 1.15 -21.83
C ARG B 29 3.11 0.35 -21.80
N TYR B 30 2.04 0.93 -22.34
CA TYR B 30 0.76 0.27 -22.50
C TYR B 30 0.43 0.12 -23.97
N PHE B 31 -0.13 -1.03 -24.34
CA PHE B 31 -0.41 -1.36 -25.73
C PHE B 31 -1.83 -1.87 -25.87
N TYR B 32 -2.50 -1.42 -26.93
CA TYR B 32 -3.81 -1.95 -27.39
C TYR B 32 -3.47 -2.68 -28.68
N HIS B 33 -3.59 -4.00 -28.67
CA HIS B 33 -3.15 -4.91 -29.76
C HIS B 33 -1.66 -4.59 -29.72
N GLN B 34 -1.05 -4.28 -30.86
CA GLN B 34 0.39 -3.92 -30.83
C GLN B 34 0.76 -2.46 -30.97
N GLU B 35 -0.18 -1.56 -30.69
CA GLU B 35 0.11 -0.13 -30.82
C GLU B 35 0.31 0.46 -29.44
N GLU B 36 1.38 1.21 -29.24
CA GLU B 36 1.65 1.86 -27.94
C GLU B 36 0.80 3.13 -27.91
N TYR B 37 -0.10 3.25 -26.93
CA TYR B 37 -0.96 4.42 -26.83
C TYR B 37 -0.59 5.38 -25.70
N VAL B 38 0.09 4.91 -24.66
CA VAL B 38 0.57 5.78 -23.60
C VAL B 38 1.89 5.22 -23.07
N ARG B 39 2.79 6.11 -22.65
CA ARG B 39 4.12 5.70 -22.24
C ARG B 39 4.70 6.70 -21.24
N PHE B 40 5.27 6.18 -20.16
CA PHE B 40 6.10 6.97 -19.26
C PHE B 40 7.58 6.71 -19.59
N ASP B 41 8.32 7.77 -19.85
CA ASP B 41 9.74 7.69 -20.12
C ASP B 41 10.49 8.34 -18.98
N SER B 42 11.49 7.63 -18.43
CA SER B 42 12.28 8.17 -17.33
C SER B 42 12.96 9.48 -17.73
N ASP B 43 13.32 9.62 -19.01
CA ASP B 43 13.95 10.86 -19.46
C ASP B 43 12.93 12.00 -19.60
N VAL B 44 11.67 11.68 -19.88
CA VAL B 44 10.67 12.74 -20.02
C VAL B 44 10.14 13.18 -18.66
N GLY B 45 9.86 12.22 -17.78
CA GLY B 45 9.41 12.53 -16.44
C GLY B 45 7.92 12.52 -16.22
N GLU B 46 7.12 12.24 -17.26
CA GLU B 46 5.68 12.20 -17.13
C GLU B 46 5.10 11.26 -18.18
N TYR B 47 3.88 10.81 -17.94
CA TYR B 47 3.17 10.01 -18.93
C TYR B 47 2.77 10.89 -20.12
N ARG B 48 3.03 10.41 -21.33
CA ARG B 48 2.67 11.12 -22.54
C ARG B 48 1.94 10.16 -23.48
N ALA B 49 0.92 10.69 -24.16
CA ALA B 49 0.14 9.88 -25.09
C ALA B 49 0.95 9.66 -26.37
N VAL B 50 1.19 8.40 -26.71
CA VAL B 50 1.83 8.09 -27.98
C VAL B 50 0.84 8.27 -29.13
N THR B 51 -0.40 7.86 -28.92
CA THR B 51 -1.49 8.13 -29.84
C THR B 51 -2.63 8.77 -29.06
N GLU B 52 -3.61 9.32 -29.80
CA GLU B 52 -4.79 9.88 -29.15
C GLU B 52 -5.62 8.84 -28.43
N LEU B 53 -5.35 7.54 -28.68
CA LEU B 53 -6.02 6.48 -27.94
C LEU B 53 -5.64 6.50 -26.46
N GLY B 54 -4.41 6.91 -26.14
CA GLY B 54 -3.96 7.05 -24.78
C GLY B 54 -4.02 8.46 -24.23
N ARG B 55 -4.66 9.39 -24.92
CA ARG B 55 -4.81 10.73 -24.40
C ARG B 55 -5.53 10.79 -23.06
N PRO B 56 -6.62 10.04 -22.82
CA PRO B 56 -7.27 10.13 -21.49
C PRO B 56 -6.40 9.65 -20.34
N ASP B 57 -5.53 8.65 -20.57
CA ASP B 57 -4.76 8.08 -19.47
C ASP B 57 -3.62 8.98 -19.03
N ALA B 58 -2.93 9.61 -19.98
CA ALA B 58 -1.78 10.44 -19.64
C ALA B 58 -2.19 11.62 -18.76
N GLU B 59 -3.29 12.29 -19.11
CA GLU B 59 -3.75 13.40 -18.29
C GLU B 59 -4.29 12.92 -16.94
N TYR B 60 -4.93 11.75 -16.93
CA TYR B 60 -5.48 11.22 -15.69
C TYR B 60 -4.38 10.73 -14.75
N TRP B 61 -3.39 10.00 -15.29
CA TRP B 61 -2.37 9.42 -14.44
C TRP B 61 -1.43 10.48 -13.88
N ASN B 62 -1.08 11.48 -14.68
CA ASN B 62 -0.21 12.54 -14.19
C ASN B 62 -0.84 13.36 -13.08
N SER B 63 -2.17 13.37 -12.98
CA SER B 63 -2.85 14.13 -11.95
C SER B 63 -2.97 13.38 -10.63
N GLN B 64 -2.83 12.06 -10.65
CA GLN B 64 -2.95 11.28 -9.41
C GLN B 64 -1.85 11.67 -8.43
N LYS B 65 -2.25 11.86 -7.18
CA LYS B 65 -1.26 12.15 -6.14
C LYS B 65 -0.31 10.98 -5.98
N ASP B 66 0.98 11.30 -5.81
CA ASP B 66 2.11 10.38 -5.63
C ASP B 66 2.50 9.66 -6.90
N LEU B 67 1.85 9.91 -8.04
CA LEU B 67 2.17 9.16 -9.24
C LEU B 67 3.54 9.52 -9.78
N LEU B 68 3.79 10.81 -9.99
CA LEU B 68 5.06 11.24 -10.57
C LEU B 68 6.23 10.89 -9.65
N GLU B 69 6.08 11.12 -8.34
CA GLU B 69 7.13 10.76 -7.40
C GLU B 69 7.43 9.27 -7.47
N GLN B 70 6.40 8.44 -7.67
CA GLN B 70 6.62 7.00 -7.78
C GLN B 70 7.32 6.64 -9.08
N LYS B 71 6.80 7.15 -10.21
CA LYS B 71 7.36 6.78 -11.50
C LYS B 71 8.73 7.39 -11.74
N ARG B 72 8.99 8.59 -11.21
CA ARG B 72 10.30 9.19 -11.39
C ARG B 72 11.37 8.49 -10.55
N ALA B 73 10.97 7.81 -9.48
CA ALA B 73 11.89 7.02 -8.67
C ALA B 73 12.03 5.58 -9.17
N ALA B 74 11.34 5.23 -10.27
CA ALA B 74 11.29 3.84 -10.69
C ALA B 74 12.65 3.29 -11.10
N VAL B 75 13.56 4.14 -11.58
CA VAL B 75 14.88 3.67 -11.97
C VAL B 75 15.63 3.13 -10.76
N ASP B 76 15.52 3.82 -9.62
CA ASP B 76 16.18 3.34 -8.42
C ASP B 76 15.35 2.29 -7.69
N THR B 77 14.02 2.46 -7.66
CA THR B 77 13.18 1.58 -6.84
C THR B 77 12.81 0.30 -7.57
N TYR B 78 12.81 0.29 -8.89
CA TYR B 78 12.34 -0.87 -9.65
C TYR B 78 13.40 -1.41 -10.60
N CYS B 79 14.01 -0.56 -11.43
CA CYS B 79 14.97 -1.05 -12.41
C CYS B 79 16.28 -1.47 -11.76
N ARG B 80 16.87 -0.61 -10.93
CA ARG B 80 18.13 -0.95 -10.30
C ARG B 80 17.97 -2.05 -9.26
N HIS B 81 16.78 -2.18 -8.65
CA HIS B 81 16.57 -3.23 -7.67
C HIS B 81 16.54 -4.60 -8.33
N ASN B 82 15.72 -4.76 -9.37
CA ASN B 82 15.61 -6.06 -10.04
C ASN B 82 16.95 -6.47 -10.67
N TYR B 83 17.77 -5.50 -11.05
CA TYR B 83 19.08 -5.81 -11.61
C TYR B 83 19.92 -6.62 -10.62
N GLY B 84 19.96 -6.17 -9.36
CA GLY B 84 20.74 -6.85 -8.35
C GLY B 84 20.10 -8.10 -7.78
N VAL B 85 18.78 -8.24 -7.91
CA VAL B 85 18.11 -9.45 -7.44
C VAL B 85 18.60 -10.67 -8.22
N GLY B 86 18.83 -10.51 -9.52
CA GLY B 86 19.25 -11.61 -10.35
C GLY B 86 20.58 -11.39 -11.06
N GLU B 87 21.38 -10.46 -10.55
CA GLU B 87 22.67 -10.17 -11.18
C GLU B 87 23.58 -11.39 -11.17
N SER B 88 23.51 -12.21 -10.11
CA SER B 88 24.44 -13.33 -9.96
C SER B 88 24.18 -14.46 -10.95
N PHE B 89 22.95 -14.60 -11.45
CA PHE B 89 22.63 -15.68 -12.38
C PHE B 89 22.12 -15.17 -13.73
N THR B 90 22.25 -13.87 -14.00
CA THR B 90 21.87 -13.35 -15.32
C THR B 90 23.03 -12.58 -15.93
N VAL B 91 23.38 -11.44 -15.34
CA VAL B 91 24.50 -10.65 -15.85
C VAL B 91 25.80 -11.43 -15.71
N GLN B 92 25.97 -12.12 -14.58
CA GLN B 92 27.20 -12.86 -14.30
C GLN B 92 27.16 -14.29 -14.81
N ARG B 93 26.11 -14.68 -15.52
CA ARG B 93 26.01 -16.04 -16.03
C ARG B 93 27.02 -16.27 -17.17
N ARG B 94 27.85 -17.30 -17.02
CA ARG B 94 28.79 -17.68 -18.06
C ARG B 94 28.76 -19.19 -18.23
N VAL B 95 28.54 -19.65 -19.46
CA VAL B 95 28.48 -21.06 -19.80
C VAL B 95 29.50 -21.33 -20.90
N TYR B 96 30.44 -22.23 -20.63
CA TYR B 96 31.42 -22.37 -21.69
C TYR B 96 30.88 -23.27 -22.81
N PRO B 97 31.32 -23.04 -24.04
CA PRO B 97 30.71 -23.68 -25.21
C PRO B 97 31.35 -25.00 -25.61
N GLU B 98 30.57 -25.79 -26.35
CA GLU B 98 31.06 -26.98 -27.04
C GLU B 98 31.36 -26.62 -28.48
N VAL B 99 32.52 -27.02 -28.98
CA VAL B 99 32.95 -26.70 -30.33
C VAL B 99 33.13 -28.02 -31.09
N THR B 100 32.38 -28.17 -32.18
CA THR B 100 32.42 -29.37 -33.01
C THR B 100 32.75 -28.99 -34.45
N VAL B 101 33.70 -29.72 -35.05
CA VAL B 101 34.13 -29.48 -36.42
C VAL B 101 33.87 -30.75 -37.24
N TYR B 102 33.19 -30.60 -38.38
CA TYR B 102 32.89 -31.73 -39.26
C TYR B 102 32.65 -31.21 -40.67
N PRO B 103 32.91 -31.98 -41.71
CA PRO B 103 32.64 -31.49 -43.08
C PRO B 103 31.22 -31.80 -43.51
N ALA B 104 30.80 -31.19 -44.63
CA ALA B 104 29.50 -31.43 -45.26
C ALA B 104 29.48 -30.72 -46.60
N HIS B 112 32.76 -33.14 -49.93
CA HIS B 112 32.56 -32.12 -48.91
C HIS B 112 33.44 -30.92 -49.22
N ASN B 113 32.86 -29.91 -49.86
CA ASN B 113 33.56 -28.65 -50.13
C ASN B 113 33.35 -27.62 -49.04
N LEU B 114 32.63 -27.96 -47.97
CA LEU B 114 32.31 -27.04 -46.89
C LEU B 114 32.69 -27.68 -45.56
N LEU B 115 33.58 -27.01 -44.82
CA LEU B 115 33.88 -27.36 -43.45
C LEU B 115 33.11 -26.44 -42.52
N VAL B 116 32.50 -27.01 -41.48
CA VAL B 116 31.66 -26.24 -40.58
C VAL B 116 32.18 -26.37 -39.15
N CYS B 117 32.07 -25.27 -38.41
CA CYS B 117 32.40 -25.20 -36.98
C CYS B 117 31.11 -24.92 -36.23
N SER B 118 30.71 -25.84 -35.36
CA SER B 118 29.46 -25.72 -34.62
C SER B 118 29.77 -25.37 -33.18
N VAL B 119 29.33 -24.19 -32.74
CA VAL B 119 29.50 -23.74 -31.36
C VAL B 119 28.12 -23.75 -30.71
N ASN B 120 28.00 -24.49 -29.60
CA ASN B 120 26.69 -24.76 -29.01
C ASN B 120 26.72 -24.53 -27.50
N GLY B 121 25.58 -24.09 -26.98
CA GLY B 121 25.32 -24.08 -25.55
C GLY B 121 26.12 -23.10 -24.72
N PHE B 122 26.28 -21.86 -25.18
CA PHE B 122 27.05 -20.86 -24.47
C PHE B 122 26.15 -19.69 -24.05
N TYR B 123 26.62 -18.94 -23.05
CA TYR B 123 25.95 -17.76 -22.56
C TYR B 123 27.00 -16.85 -21.95
N PRO B 124 26.95 -15.54 -22.21
CA PRO B 124 25.96 -14.84 -23.04
C PRO B 124 26.19 -15.02 -24.54
N GLY B 125 25.35 -14.36 -25.35
CA GLY B 125 25.40 -14.52 -26.79
C GLY B 125 26.55 -13.84 -27.49
N SER B 126 27.29 -12.97 -26.80
CA SER B 126 28.44 -12.30 -27.41
C SER B 126 29.54 -13.32 -27.66
N ILE B 127 29.85 -13.56 -28.94
CA ILE B 127 30.86 -14.54 -29.31
C ILE B 127 31.55 -14.09 -30.59
N GLU B 128 32.78 -14.55 -30.78
CA GLU B 128 33.58 -14.23 -31.96
C GLU B 128 34.26 -15.50 -32.44
N VAL B 129 34.00 -15.90 -33.68
CA VAL B 129 34.52 -17.15 -34.24
C VAL B 129 35.31 -16.82 -35.49
N ARG B 130 36.55 -17.29 -35.55
CA ARG B 130 37.44 -17.09 -36.68
C ARG B 130 37.85 -18.43 -37.27
N TRP B 131 38.34 -18.38 -38.51
CA TRP B 131 38.84 -19.55 -39.23
C TRP B 131 40.26 -19.30 -39.68
N PHE B 132 41.20 -20.14 -39.24
CA PHE B 132 42.59 -20.04 -39.64
C PHE B 132 42.87 -21.00 -40.79
N ARG B 133 43.49 -20.48 -41.85
CA ARG B 133 43.90 -21.33 -42.98
C ARG B 133 44.94 -22.34 -42.54
N ASN B 134 46.05 -21.86 -41.97
CA ASN B 134 47.08 -22.68 -41.38
C ASN B 134 47.65 -21.92 -40.19
N GLY B 135 48.28 -20.78 -40.47
CA GLY B 135 48.72 -19.87 -39.44
C GLY B 135 48.16 -18.47 -39.65
N GLN B 136 47.37 -18.30 -40.70
CA GLN B 136 46.76 -17.02 -41.01
C GLN B 136 45.28 -17.22 -41.28
N GLU B 137 44.45 -16.32 -40.75
CA GLU B 137 43.01 -16.52 -40.79
C GLU B 137 42.46 -16.31 -42.20
N GLU B 138 41.68 -17.29 -42.68
CA GLU B 138 40.96 -17.14 -43.94
C GLU B 138 39.75 -16.27 -43.70
N LYS B 139 39.77 -15.06 -44.27
CA LYS B 139 38.67 -14.12 -44.15
C LYS B 139 37.79 -14.09 -45.39
N THR B 140 37.87 -15.12 -46.23
CA THR B 140 37.14 -15.18 -47.49
C THR B 140 36.37 -16.49 -47.56
N GLY B 141 35.14 -16.42 -48.06
CA GLY B 141 34.32 -17.61 -48.20
C GLY B 141 33.73 -18.13 -46.91
N VAL B 142 33.77 -17.34 -45.84
CA VAL B 142 33.21 -17.73 -44.56
C VAL B 142 31.81 -17.15 -44.44
N VAL B 143 30.83 -18.01 -44.16
CA VAL B 143 29.46 -17.59 -43.93
C VAL B 143 29.03 -18.12 -42.57
N SER B 144 28.28 -17.30 -41.83
CA SER B 144 27.85 -17.63 -40.49
C SER B 144 26.33 -17.69 -40.46
N THR B 145 25.79 -18.70 -39.75
CA THR B 145 24.36 -18.80 -39.58
C THR B 145 23.80 -17.69 -38.69
N GLY B 146 24.66 -16.90 -38.06
CA GLY B 146 24.22 -15.90 -37.11
C GLY B 146 24.10 -16.46 -35.72
N LEU B 147 23.65 -15.60 -34.81
CA LEU B 147 23.42 -16.00 -33.43
C LEU B 147 21.97 -16.47 -33.28
N ILE B 148 21.80 -17.74 -32.94
CA ILE B 148 20.48 -18.34 -32.75
C ILE B 148 20.27 -18.55 -31.26
N GLN B 149 19.14 -18.05 -30.75
CA GLN B 149 18.81 -18.16 -29.33
C GLN B 149 17.96 -19.41 -29.12
N ASN B 150 18.51 -20.38 -28.36
CA ASN B 150 17.82 -21.64 -28.13
C ASN B 150 16.61 -21.50 -27.21
N GLY B 151 16.46 -20.37 -26.51
CA GLY B 151 15.35 -20.16 -25.63
C GLY B 151 15.48 -20.77 -24.25
N ASP B 152 16.54 -21.52 -23.99
CA ASP B 152 16.79 -22.12 -22.68
C ASP B 152 18.03 -21.52 -22.02
N TRP B 153 18.25 -20.22 -22.23
CA TRP B 153 19.39 -19.49 -21.70
C TRP B 153 20.71 -20.02 -22.24
N THR B 154 20.69 -20.55 -23.47
CA THR B 154 21.90 -20.98 -24.16
C THR B 154 21.82 -20.50 -25.61
N PHE B 155 22.98 -20.28 -26.21
CA PHE B 155 23.07 -19.85 -27.60
C PHE B 155 23.87 -20.86 -28.42
N GLN B 156 23.75 -20.73 -29.74
CA GLN B 156 24.55 -21.53 -30.65
C GLN B 156 24.73 -20.76 -31.95
N THR B 157 25.78 -21.11 -32.68
CA THR B 157 26.07 -20.47 -33.96
C THR B 157 26.88 -21.42 -34.82
N LEU B 158 26.73 -21.27 -36.13
CA LEU B 158 27.39 -22.11 -37.12
C LEU B 158 28.13 -21.21 -38.11
N VAL B 159 29.45 -21.35 -38.17
CA VAL B 159 30.27 -20.64 -39.16
C VAL B 159 30.76 -21.66 -40.18
N MET B 160 30.51 -21.38 -41.45
CA MET B 160 30.93 -22.26 -42.53
C MET B 160 32.17 -21.68 -43.21
N LEU B 161 32.86 -22.53 -43.96
CA LEU B 161 34.09 -22.14 -44.65
C LEU B 161 34.12 -22.83 -46.02
N GLU B 162 33.91 -22.06 -47.08
CA GLU B 162 33.95 -22.58 -48.44
C GLU B 162 35.40 -22.72 -48.92
N THR B 163 36.13 -23.62 -48.25
CA THR B 163 37.53 -23.87 -48.57
C THR B 163 37.68 -25.24 -49.22
N VAL B 164 38.81 -25.42 -49.89
CA VAL B 164 39.13 -26.67 -50.58
C VAL B 164 39.89 -27.58 -49.62
N PRO B 165 39.25 -28.62 -49.07
CA PRO B 165 39.93 -29.47 -48.09
C PRO B 165 41.10 -30.22 -48.72
N ARG B 166 42.30 -29.69 -48.54
CA ARG B 166 43.52 -30.26 -49.09
C ARG B 166 44.33 -30.84 -47.95
N SER B 167 44.60 -32.15 -48.03
CA SER B 167 45.31 -32.86 -46.99
C SER B 167 46.68 -32.23 -46.71
N GLY B 168 47.00 -32.09 -45.44
CA GLY B 168 48.32 -31.67 -45.05
C GLY B 168 48.42 -30.24 -44.53
N GLU B 169 47.41 -29.40 -44.76
CA GLU B 169 47.27 -28.10 -44.11
C GLU B 169 46.23 -28.26 -43.01
N VAL B 170 46.58 -27.85 -41.79
CA VAL B 170 45.65 -27.99 -40.68
C VAL B 170 44.68 -26.81 -40.66
N TYR B 171 43.45 -27.09 -40.28
CA TYR B 171 42.38 -26.09 -40.20
C TYR B 171 41.95 -25.98 -38.74
N THR B 172 41.89 -24.75 -38.24
CA THR B 172 41.66 -24.50 -36.83
C THR B 172 40.50 -23.51 -36.70
N CYS B 173 39.47 -23.91 -35.94
CA CYS B 173 38.38 -23.02 -35.59
C CYS B 173 38.69 -22.38 -34.24
N GLN B 174 38.62 -21.05 -34.18
CA GLN B 174 38.97 -20.29 -32.99
C GLN B 174 37.77 -19.48 -32.54
N VAL B 175 37.30 -19.72 -31.31
CA VAL B 175 36.17 -19.01 -30.75
C VAL B 175 36.66 -18.20 -29.55
N GLU B 176 36.00 -17.06 -29.32
CA GLU B 176 36.31 -16.18 -28.20
C GLU B 176 35.01 -15.82 -27.51
N HIS B 177 34.94 -16.10 -26.21
CA HIS B 177 33.72 -15.96 -25.45
C HIS B 177 34.03 -15.36 -24.08
N PRO B 178 33.14 -14.52 -23.54
CA PRO B 178 33.38 -13.93 -22.22
C PRO B 178 33.49 -14.95 -21.10
N SER B 179 33.14 -16.21 -21.34
CA SER B 179 33.31 -17.26 -20.34
C SER B 179 34.74 -17.76 -20.22
N LEU B 180 35.60 -17.42 -21.19
CA LEU B 180 36.97 -17.92 -21.23
C LEU B 180 37.95 -16.76 -21.18
N THR B 181 39.05 -16.95 -20.44
CA THR B 181 40.11 -15.95 -20.39
C THR B 181 41.03 -16.02 -21.59
N SER B 182 41.01 -17.12 -22.34
CA SER B 182 41.86 -17.32 -23.51
C SER B 182 41.03 -17.95 -24.60
N PRO B 183 41.40 -17.76 -25.86
CA PRO B 183 40.62 -18.32 -26.96
C PRO B 183 40.62 -19.84 -26.95
N LEU B 184 39.57 -20.40 -27.57
CA LEU B 184 39.40 -21.84 -27.69
C LEU B 184 39.67 -22.23 -29.13
N THR B 185 40.50 -23.27 -29.32
CA THR B 185 40.90 -23.70 -30.65
C THR B 185 40.59 -25.18 -30.82
N VAL B 186 40.10 -25.54 -32.01
CA VAL B 186 39.83 -26.92 -32.38
C VAL B 186 40.40 -27.17 -33.77
N GLU B 187 41.18 -28.23 -33.91
CA GLU B 187 41.82 -28.58 -35.17
C GLU B 187 41.10 -29.75 -35.82
N TRP B 188 40.94 -29.66 -37.14
CA TRP B 188 40.32 -30.73 -37.92
C TRP B 188 41.13 -32.02 -37.82
N GLY C 1 17.44 -12.99 -3.49
CA GLY C 1 16.71 -11.75 -3.28
C GLY C 1 15.25 -11.84 -3.72
N GLY C 2 14.51 -10.76 -3.50
CA GLY C 2 13.10 -10.76 -3.85
C GLY C 2 12.76 -9.83 -4.99
N TYR C 3 12.27 -10.39 -6.09
CA TYR C 3 11.82 -9.60 -7.23
C TYR C 3 10.63 -8.72 -6.83
C CIR C 4 8.93 -6.34 -8.63
O CIR C 4 9.41 -6.22 -9.79
CA CIR C 4 9.84 -6.69 -7.46
N CIR C 4 10.76 -7.73 -7.85
C3 CIR C 4 10.63 -5.45 -7.05
C4 CIR C 4 9.80 -4.60 -6.10
C5 CIR C 4 9.58 -3.22 -6.71
N6 CIR C 4 9.54 -2.24 -5.65
C7 CIR C 4 8.94 -0.93 -5.88
O7 CIR C 4 8.48 -0.67 -6.94
N8 CIR C 4 8.91 0.05 -4.80
N ALA C 5 7.61 -5.97 -9.04
CA ALA C 5 6.52 -5.64 -9.94
C ALA C 5 6.00 -4.23 -9.69
C CIR C 6 4.23 -2.85 -11.51
O CIR C 6 3.89 -3.73 -12.36
CA CIR C 6 5.70 -2.54 -11.30
N CIR C 6 6.42 -3.75 -10.97
C3 CIR C 6 6.27 -1.95 -12.59
C4 CIR C 6 5.91 -0.46 -12.68
C5 CIR C 6 7.13 0.38 -12.31
N6 CIR C 6 7.39 0.27 -10.89
C7 CIR C 6 7.24 1.43 -10.03
O7 CIR C 6 6.90 2.47 -10.49
N8 CIR C 6 7.49 1.32 -8.60
N PRO C 7 3.42 -2.04 -10.66
CA PRO C 7 2.01 -2.41 -10.72
C PRO C 7 1.29 -1.84 -11.93
N ALA C 8 0.25 -2.52 -12.41
CA ALA C 8 -0.53 -2.03 -13.53
C ALA C 8 -1.51 -0.96 -13.04
N LYS C 9 -1.64 0.11 -13.82
CA LYS C 9 -2.50 1.23 -13.46
C LYS C 9 -3.85 1.10 -14.13
N ALA C 10 -4.90 1.48 -13.42
CA ALA C 10 -6.25 1.43 -13.95
C ALA C 10 -6.48 2.61 -14.90
N ALA C 11 -6.91 2.30 -16.12
CA ALA C 11 -7.11 3.32 -17.13
C ALA C 11 -8.29 4.21 -16.79
N ALA C 12 -8.26 5.43 -17.30
CA ALA C 12 -9.37 6.36 -17.08
C ALA C 12 -10.62 5.88 -17.79
N THR C 13 -11.76 6.07 -17.14
CA THR C 13 -13.03 5.62 -17.70
C THR C 13 -13.76 6.76 -18.40
N GLY D 1 5.52 -13.15 11.79
CA GLY D 1 6.00 -12.57 10.55
C GLY D 1 6.58 -11.18 10.71
N ASP D 2 6.10 -10.24 9.90
CA ASP D 2 6.54 -8.86 10.03
C ASP D 2 6.00 -8.25 11.32
N SER D 3 6.87 -7.56 12.05
CA SER D 3 6.53 -7.04 13.37
C SER D 3 7.10 -5.65 13.55
N VAL D 4 6.40 -4.84 14.34
CA VAL D 4 6.84 -3.50 14.72
C VAL D 4 6.57 -3.32 16.20
N THR D 5 7.57 -2.85 16.94
CA THR D 5 7.47 -2.64 18.37
C THR D 5 7.92 -1.22 18.68
N GLN D 6 7.01 -0.40 19.20
CA GLN D 6 7.33 0.97 19.58
C GLN D 6 6.99 1.21 21.04
N THR D 7 7.37 2.40 21.52
CA THR D 7 7.26 2.75 22.92
C THR D 7 5.84 2.55 23.43
N GLU D 8 5.73 1.91 24.59
CA GLU D 8 4.44 1.55 25.17
C GLU D 8 3.97 2.64 26.13
N GLY D 9 2.64 2.77 26.22
CA GLY D 9 2.02 3.66 27.18
C GLY D 9 2.04 5.10 26.75
N PRO D 10 1.29 5.94 27.44
CA PRO D 10 1.26 7.37 27.11
C PRO D 10 2.53 8.08 27.55
N VAL D 11 2.99 9.00 26.72
CA VAL D 11 4.17 9.82 26.99
C VAL D 11 3.70 11.25 27.22
N THR D 12 4.08 11.82 28.36
CA THR D 12 3.67 13.17 28.74
C THR D 12 4.91 14.02 28.94
N LEU D 13 5.04 15.05 28.10
CA LEU D 13 6.19 15.94 28.15
C LEU D 13 5.72 17.39 28.28
N SER D 14 6.52 18.20 28.95
CA SER D 14 6.35 19.64 28.90
C SER D 14 6.97 20.18 27.61
N GLU D 15 6.36 21.24 27.08
CA GLU D 15 6.83 21.76 25.80
C GLU D 15 8.28 22.22 25.91
N GLY D 16 9.05 21.97 24.85
CA GLY D 16 10.47 22.23 24.83
C GLY D 16 11.33 21.02 25.11
N THR D 17 10.76 19.97 25.68
CA THR D 17 11.52 18.77 26.01
C THR D 17 11.84 17.97 24.75
N SER D 18 13.00 17.32 24.76
CA SER D 18 13.37 16.43 23.66
C SER D 18 12.53 15.16 23.73
N LEU D 19 11.98 14.77 22.58
CA LEU D 19 11.16 13.57 22.49
C LEU D 19 11.94 12.44 21.83
N THR D 20 11.71 11.22 22.30
CA THR D 20 12.23 10.03 21.65
C THR D 20 11.17 8.94 21.73
N VAL D 21 10.63 8.55 20.58
CA VAL D 21 9.72 7.41 20.48
C VAL D 21 10.49 6.27 19.84
N ASN D 22 10.84 5.28 20.66
CA ASN D 22 11.61 4.16 20.15
C ASN D 22 10.76 3.28 19.25
N CYS D 23 11.35 2.84 18.13
CA CYS D 23 10.69 1.91 17.22
C CYS D 23 11.71 0.88 16.77
N SER D 24 11.40 -0.39 17.01
CA SER D 24 12.19 -1.50 16.53
C SER D 24 11.31 -2.39 15.66
N TYR D 25 11.86 -2.86 14.54
CA TYR D 25 11.12 -3.69 13.61
C TYR D 25 11.85 -5.00 13.37
N GLU D 26 11.14 -5.95 12.78
CA GLU D 26 11.69 -7.26 12.47
C GLU D 26 11.03 -7.75 11.20
N THR D 27 11.81 -7.86 10.12
CA THR D 27 11.27 -8.27 8.83
C THR D 27 12.33 -9.04 8.05
N LYS D 28 11.86 -9.99 7.25
CA LYS D 28 12.74 -10.79 6.41
C LYS D 28 12.96 -10.18 5.04
N GLN D 29 12.15 -9.21 4.65
CA GLN D 29 12.28 -8.53 3.37
C GLN D 29 12.96 -7.18 3.58
N TYR D 30 13.17 -6.46 2.47
CA TYR D 30 13.75 -5.12 2.51
C TYR D 30 12.61 -4.10 2.52
N PRO D 31 12.29 -3.53 3.68
CA PRO D 31 11.10 -2.70 3.78
C PRO D 31 11.39 -1.21 3.59
N THR D 32 10.30 -0.46 3.50
CA THR D 32 10.27 0.98 3.66
C THR D 32 9.59 1.28 5.00
N LEU D 33 10.08 2.29 5.71
CA LEU D 33 9.57 2.61 7.03
C LEU D 33 8.75 3.89 6.98
N PHE D 34 7.75 3.96 7.86
CA PHE D 34 6.85 5.11 7.93
C PHE D 34 6.68 5.54 9.38
N TRP D 35 6.35 6.82 9.57
CA TRP D 35 5.77 7.31 10.80
C TRP D 35 4.45 7.98 10.47
N TYR D 36 3.40 7.60 11.19
CA TYR D 36 2.08 8.20 11.04
C TYR D 36 1.71 8.91 12.33
N VAL D 37 1.08 10.07 12.19
CA VAL D 37 0.60 10.85 13.32
C VAL D 37 -0.92 10.96 13.20
N GLN D 38 -1.61 10.82 14.33
CA GLN D 38 -3.06 10.92 14.37
C GLN D 38 -3.46 12.00 15.37
N TYR D 39 -3.77 13.19 14.87
CA TYR D 39 -4.18 14.28 15.73
C TYR D 39 -5.61 14.06 16.22
N PRO D 40 -5.97 14.65 17.37
CA PRO D 40 -7.31 14.41 17.92
C PRO D 40 -8.42 14.82 16.96
N GLY D 41 -9.39 13.93 16.78
CA GLY D 41 -10.51 14.18 15.91
C GLY D 41 -10.29 13.86 14.45
N GLU D 42 -9.11 13.41 14.07
CA GLU D 42 -8.77 13.09 12.70
C GLU D 42 -8.35 11.63 12.59
N GLY D 43 -8.02 11.22 11.36
CA GLY D 43 -7.48 9.90 11.13
C GLY D 43 -5.97 9.96 11.00
N PRO D 44 -5.33 8.80 10.86
CA PRO D 44 -3.87 8.78 10.72
C PRO D 44 -3.41 9.53 9.48
N GLN D 45 -2.15 9.94 9.50
CA GLN D 45 -1.64 10.89 8.53
C GLN D 45 -0.13 10.72 8.43
N LEU D 46 0.39 10.70 7.20
CA LEU D 46 1.80 10.42 6.98
C LEU D 46 2.66 11.54 7.55
N LEU D 47 3.60 11.18 8.43
CA LEU D 47 4.60 12.13 8.90
C LEU D 47 5.77 12.21 7.93
N PHE D 48 6.42 11.07 7.70
CA PHE D 48 7.43 10.94 6.65
C PHE D 48 7.68 9.45 6.41
N LYS D 49 8.43 9.16 5.35
CA LYS D 49 8.79 7.80 5.01
C LYS D 49 10.20 7.77 4.41
N VAL D 50 10.91 6.69 4.68
CA VAL D 50 12.27 6.50 4.17
C VAL D 50 12.33 5.18 3.39
N PRO D 51 12.51 5.24 2.07
CA PRO D 51 12.50 3.99 1.28
C PRO D 51 13.79 3.18 1.35
N LYS D 52 14.94 3.83 1.40
CA LYS D 52 16.21 3.13 1.33
C LYS D 52 16.88 3.03 2.70
N ALA D 53 17.89 2.14 2.79
CA ALA D 53 18.21 1.45 4.03
C ALA D 53 18.71 2.38 5.12
N ASN D 54 19.58 3.34 4.80
CA ASN D 54 20.24 4.11 5.84
C ASN D 54 20.04 5.62 5.66
N GLU D 55 18.89 6.03 5.16
CA GLU D 55 18.60 7.45 5.02
C GLU D 55 17.87 7.99 6.25
N LYS D 56 17.54 9.26 6.20
CA LYS D 56 16.88 9.95 7.29
C LYS D 56 15.61 10.63 6.78
N GLY D 57 14.54 10.55 7.56
CA GLY D 57 13.30 11.24 7.27
C GLY D 57 13.08 12.36 8.27
N SER D 58 12.37 13.40 7.84
CA SER D 58 12.14 14.55 8.71
C SER D 58 10.89 15.28 8.25
N ASN D 59 10.14 15.82 9.21
CA ASN D 59 8.95 16.62 8.95
C ASN D 59 8.48 17.25 10.25
N ARG D 60 8.13 18.54 10.19
CA ARG D 60 7.57 19.27 11.33
C ARG D 60 8.47 19.18 12.55
N GLY D 61 9.78 19.26 12.32
CA GLY D 61 10.74 19.14 13.40
C GLY D 61 11.02 17.72 13.84
N PHE D 62 10.21 16.75 13.43
CA PHE D 62 10.48 15.35 13.75
C PHE D 62 11.54 14.79 12.81
N GLU D 63 12.19 13.73 13.27
CA GLU D 63 13.28 13.12 12.52
C GLU D 63 13.44 11.68 12.98
N ALA D 64 13.71 10.78 12.04
CA ALA D 64 13.99 9.39 12.35
C ALA D 64 14.96 8.85 11.30
N THR D 65 15.86 7.98 11.75
CA THR D 65 16.85 7.37 10.87
C THR D 65 16.54 5.88 10.72
N TYR D 66 16.30 5.46 9.47
CA TYR D 66 16.23 4.06 9.10
C TYR D 66 17.56 3.39 9.41
N ASN D 67 17.63 2.66 10.52
CA ASN D 67 18.87 2.02 10.96
C ASN D 67 18.80 0.53 10.61
N LYS D 68 19.36 0.17 9.45
CA LYS D 68 19.28 -1.20 8.97
C LYS D 68 20.02 -2.16 9.89
N GLU D 69 21.17 -1.76 10.41
CA GLU D 69 21.97 -2.66 11.23
C GLU D 69 21.30 -2.94 12.57
N ALA D 70 20.67 -1.93 13.16
CA ALA D 70 19.98 -2.10 14.43
C ALA D 70 18.51 -2.44 14.27
N THR D 71 17.98 -2.44 13.04
CA THR D 71 16.56 -2.61 12.76
C THR D 71 15.72 -1.70 13.67
N SER D 72 15.98 -0.40 13.55
CA SER D 72 15.31 0.60 14.38
C SER D 72 14.92 1.79 13.52
N PHE D 73 13.89 2.49 13.98
CA PHE D 73 13.36 3.67 13.30
C PHE D 73 12.90 4.67 14.35
N HIS D 74 13.81 5.03 15.26
CA HIS D 74 13.45 5.83 16.42
C HIS D 74 13.09 7.25 16.01
N LEU D 75 11.92 7.70 16.44
CA LEU D 75 11.45 9.06 16.18
C LEU D 75 11.99 10.01 17.25
N GLN D 76 12.46 11.18 16.82
CA GLN D 76 13.05 12.15 17.74
C GLN D 76 12.68 13.56 17.31
N LYS D 77 12.53 14.43 18.31
CA LYS D 77 12.32 15.85 18.09
C LYS D 77 12.94 16.62 19.25
N ALA D 78 13.67 17.68 18.92
CA ALA D 78 14.47 18.38 19.93
C ALA D 78 13.65 19.27 20.87
N SER D 79 12.46 19.70 20.45
CA SER D 79 11.66 20.60 21.28
C SER D 79 10.19 20.46 20.88
N VAL D 80 9.45 19.63 21.60
CA VAL D 80 8.07 19.38 21.26
C VAL D 80 7.21 20.59 21.62
N GLN D 81 6.24 20.87 20.77
CA GLN D 81 5.27 21.93 21.00
C GLN D 81 3.96 21.33 21.45
N GLU D 82 3.09 22.18 22.01
CA GLU D 82 1.78 21.69 22.44
C GLU D 82 0.94 21.20 21.27
N SER D 83 1.23 21.65 20.06
CA SER D 83 0.52 21.19 18.87
C SER D 83 0.88 19.76 18.48
N ASP D 84 1.93 19.18 19.06
CA ASP D 84 2.36 17.84 18.73
C ASP D 84 1.60 16.75 19.49
N SER D 85 0.67 17.13 20.36
CA SER D 85 -0.12 16.16 21.09
C SER D 85 -0.97 15.34 20.13
N ALA D 86 -0.67 14.05 20.03
CA ALA D 86 -1.33 13.14 19.09
C ALA D 86 -0.86 11.72 19.38
N VAL D 87 -1.30 10.79 18.54
CA VAL D 87 -0.86 9.40 18.59
C VAL D 87 0.08 9.18 17.40
N TYR D 88 1.24 8.59 17.67
CA TYR D 88 2.27 8.38 16.66
C TYR D 88 2.42 6.89 16.38
N TYR D 89 2.36 6.53 15.10
CA TYR D 89 2.40 5.15 14.65
C TYR D 89 3.68 4.91 13.86
N CYS D 90 4.46 3.92 14.29
CA CYS D 90 5.58 3.43 13.50
C CYS D 90 5.08 2.29 12.63
N ALA D 91 5.33 2.39 11.33
CA ALA D 91 4.77 1.43 10.38
C ALA D 91 5.87 0.86 9.48
N LEU D 92 5.67 -0.40 9.09
CA LEU D 92 6.58 -1.12 8.22
C LEU D 92 5.79 -1.71 7.06
N SER D 93 6.42 -1.78 5.90
CA SER D 93 5.83 -2.46 4.76
C SER D 93 6.95 -2.94 3.86
N PRO D 94 6.87 -4.18 3.36
CA PRO D 94 7.86 -4.63 2.38
C PRO D 94 7.81 -3.77 1.12
N SER D 95 8.96 -3.68 0.46
CA SER D 95 9.06 -2.81 -0.71
C SER D 95 8.45 -3.40 -1.97
N ASN D 96 8.15 -4.70 -1.98
CA ASN D 96 7.59 -5.34 -3.16
C ASN D 96 6.07 -5.30 -3.19
N THR D 97 5.41 -5.09 -2.05
CA THR D 97 3.96 -5.00 -2.00
C THR D 97 3.56 -4.22 -0.76
N ASN D 98 2.38 -3.61 -0.82
CA ASN D 98 1.88 -2.78 0.28
C ASN D 98 1.14 -3.68 1.28
N LYS D 99 1.88 -4.19 2.26
CA LYS D 99 1.32 -4.87 3.42
C LYS D 99 1.85 -4.12 4.64
N VAL D 100 1.11 -3.12 5.09
CA VAL D 100 1.59 -2.20 6.11
C VAL D 100 1.28 -2.75 7.49
N VAL D 101 2.32 -2.99 8.28
CA VAL D 101 2.20 -3.43 9.66
C VAL D 101 2.38 -2.21 10.56
N PHE D 102 1.37 -1.91 11.37
CA PHE D 102 1.45 -0.81 12.32
C PHE D 102 1.79 -1.33 13.71
N GLY D 103 2.50 -0.51 14.46
CA GLY D 103 2.72 -0.79 15.86
C GLY D 103 1.60 -0.21 16.71
N THR D 104 1.59 -0.60 17.98
CA THR D 104 0.65 -0.03 18.93
C THR D 104 1.01 1.44 19.14
N GLY D 105 0.12 2.33 18.69
CA GLY D 105 0.45 3.74 18.68
C GLY D 105 0.79 4.27 20.06
N THR D 106 1.71 5.23 20.09
CA THR D 106 2.12 5.90 21.31
C THR D 106 1.45 7.27 21.37
N ARG D 107 0.66 7.49 22.42
CA ARG D 107 0.01 8.78 22.60
C ARG D 107 0.98 9.73 23.27
N LEU D 108 1.24 10.87 22.64
CA LEU D 108 2.08 11.92 23.18
C LEU D 108 1.21 13.07 23.63
N GLN D 109 1.34 13.47 24.89
CA GLN D 109 0.64 14.63 25.42
C GLN D 109 1.68 15.67 25.81
N VAL D 110 1.65 16.81 25.15
CA VAL D 110 2.58 17.90 25.42
C VAL D 110 1.85 18.93 26.27
N LEU D 111 2.42 19.24 27.44
CA LEU D 111 1.82 20.15 28.40
C LEU D 111 2.49 21.51 28.33
N PRO D 112 1.73 22.59 28.52
CA PRO D 112 2.33 23.92 28.51
C PRO D 112 3.02 24.25 29.83
N ASN D 113 3.99 25.15 29.75
CA ASN D 113 4.68 25.64 30.94
C ASN D 113 3.97 26.90 31.40
N ILE D 114 3.20 26.78 32.49
CA ILE D 114 2.41 27.90 32.98
C ILE D 114 3.35 28.94 33.59
N GLN D 115 3.27 30.18 33.09
CA GLN D 115 4.22 31.20 33.50
C GLN D 115 3.93 31.70 34.91
N ASN D 116 2.69 32.10 35.17
CA ASN D 116 2.29 32.68 36.47
C ASN D 116 1.20 31.82 37.09
N PRO D 117 1.56 30.77 37.83
CA PRO D 117 0.54 29.94 38.47
C PRO D 117 -0.21 30.72 39.54
N ASP D 118 -1.51 30.47 39.61
CA ASP D 118 -2.38 31.08 40.62
C ASP D 118 -3.41 30.07 41.06
N PRO D 119 -3.01 28.95 41.68
CA PRO D 119 -3.95 27.86 41.92
C PRO D 119 -5.05 28.26 42.90
N ALA D 120 -6.26 27.82 42.61
CA ALA D 120 -7.41 28.15 43.43
C ALA D 120 -8.55 27.17 43.14
N VAL D 121 -9.44 27.02 44.11
CA VAL D 121 -10.61 26.15 44.00
C VAL D 121 -11.83 27.03 44.19
N TYR D 122 -12.61 27.21 43.13
CA TYR D 122 -13.80 28.03 43.15
C TYR D 122 -15.05 27.15 43.09
N GLN D 123 -16.15 27.72 43.56
CA GLN D 123 -17.46 27.07 43.49
C GLN D 123 -18.35 27.82 42.51
N LEU D 124 -19.09 27.07 41.71
CA LEU D 124 -19.99 27.62 40.71
C LEU D 124 -21.42 27.22 41.04
N ARG D 125 -22.37 27.95 40.44
CA ARG D 125 -23.78 27.64 40.57
C ARG D 125 -24.44 27.85 39.21
N ASP D 126 -25.77 27.77 39.17
CA ASP D 126 -26.50 27.82 37.92
C ASP D 126 -27.92 28.31 38.21
N SER D 127 -28.86 27.96 37.33
CA SER D 127 -30.28 28.16 37.58
C SER D 127 -30.86 27.06 38.45
N LYS D 128 -30.00 26.25 39.08
CA LYS D 128 -30.38 25.07 39.84
C LYS D 128 -31.42 24.24 39.08
N SER D 129 -31.23 24.08 37.77
CA SER D 129 -31.87 23.03 36.99
C SER D 129 -31.06 21.75 37.03
N SER D 130 -30.31 21.53 38.11
CA SER D 130 -29.46 20.38 38.31
C SER D 130 -29.04 20.32 39.78
N ASP D 131 -29.29 19.21 40.45
CA ASP D 131 -29.02 19.11 41.89
C ASP D 131 -27.53 19.06 42.21
N LYS D 132 -26.65 19.26 41.23
CA LYS D 132 -25.22 19.28 41.45
C LYS D 132 -24.74 20.69 41.82
N SER D 133 -23.55 20.74 42.41
CA SER D 133 -22.82 21.99 42.60
C SER D 133 -21.36 21.70 42.31
N VAL D 134 -20.80 22.35 41.30
CA VAL D 134 -19.48 22.00 40.81
C VAL D 134 -18.41 22.83 41.51
N CYS D 135 -17.26 22.22 41.69
CA CYS D 135 -16.06 22.91 42.15
C CYS D 135 -15.04 22.94 41.01
N LEU D 136 -14.28 24.02 40.94
CA LEU D 136 -13.33 24.22 39.86
C LEU D 136 -11.94 24.47 40.44
N PHE D 137 -11.02 23.57 40.17
CA PHE D 137 -9.61 23.71 40.51
C PHE D 137 -8.89 24.21 39.26
N THR D 138 -8.43 25.46 39.28
CA THR D 138 -7.92 26.09 38.07
C THR D 138 -6.63 26.85 38.36
N ASP D 139 -5.93 27.21 37.28
CA ASP D 139 -4.76 28.09 37.30
C ASP D 139 -3.56 27.47 38.00
N PHE D 140 -3.44 26.15 37.99
CA PHE D 140 -2.28 25.47 38.54
C PHE D 140 -1.30 25.12 37.43
N ASP D 141 -0.03 25.02 37.79
CA ASP D 141 0.99 24.69 36.81
C ASP D 141 0.91 23.21 36.42
N SER D 142 1.58 22.87 35.32
CA SER D 142 1.45 21.54 34.73
C SER D 142 2.03 20.43 35.59
N GLN D 143 2.77 20.75 36.65
CA GLN D 143 3.29 19.71 37.53
C GLN D 143 2.18 19.03 38.31
N THR D 144 1.10 19.75 38.61
CA THR D 144 0.03 19.21 39.44
C THR D 144 -0.71 18.09 38.70
N ASN D 145 -0.88 16.97 39.39
CA ASN D 145 -1.60 15.82 38.86
C ASN D 145 -2.91 15.68 39.64
N VAL D 146 -4.03 15.63 38.90
CA VAL D 146 -5.36 15.55 39.51
C VAL D 146 -5.71 14.09 39.72
N SER D 147 -5.94 13.70 40.97
CA SER D 147 -6.26 12.32 41.29
C SER D 147 -7.75 12.08 41.12
N GLN D 148 -8.09 10.90 40.59
CA GLN D 148 -9.49 10.55 40.39
C GLN D 148 -10.14 10.21 41.73
N SER D 149 -11.41 10.60 41.88
CA SER D 149 -12.10 10.43 43.16
C SER D 149 -12.31 8.96 43.46
N LYS D 150 -12.10 8.59 44.73
CA LYS D 150 -12.36 7.25 45.21
C LYS D 150 -13.69 7.13 45.92
N ASP D 151 -14.45 8.22 46.01
CA ASP D 151 -15.84 8.18 46.44
C ASP D 151 -16.72 7.88 45.23
N SER D 152 -17.69 6.99 45.42
CA SER D 152 -18.51 6.55 44.30
C SER D 152 -19.49 7.63 43.85
N ASP D 153 -19.94 8.48 44.77
CA ASP D 153 -20.88 9.55 44.45
C ASP D 153 -20.19 10.90 44.27
N VAL D 154 -18.87 10.91 44.15
CA VAL D 154 -18.10 12.11 43.86
C VAL D 154 -17.35 11.89 42.56
N TYR D 155 -17.44 12.85 41.65
CA TYR D 155 -16.89 12.73 40.31
C TYR D 155 -15.85 13.83 40.09
N ILE D 156 -14.66 13.43 39.65
CA ILE D 156 -13.54 14.35 39.43
C ILE D 156 -12.96 14.08 38.04
N THR D 157 -12.93 15.10 37.20
CA THR D 157 -12.32 15.00 35.89
C THR D 157 -10.83 15.31 35.97
N ASP D 158 -10.12 15.03 34.88
CA ASP D 158 -8.68 15.25 34.82
C ASP D 158 -8.40 16.66 34.31
N LYS D 159 -7.16 17.11 34.50
CA LYS D 159 -6.79 18.46 34.14
C LYS D 159 -6.86 18.66 32.63
N CYS D 160 -7.22 19.88 32.23
CA CYS D 160 -7.54 20.24 30.86
C CYS D 160 -6.95 21.60 30.56
N VAL D 161 -6.31 21.75 29.41
CA VAL D 161 -5.63 22.98 29.05
C VAL D 161 -6.48 23.75 28.06
N LEU D 162 -7.04 24.88 28.49
CA LEU D 162 -7.71 25.81 27.59
C LEU D 162 -6.78 26.96 27.26
N ASP D 163 -6.99 27.54 26.08
CA ASP D 163 -6.12 28.60 25.55
C ASP D 163 -6.99 29.80 25.17
N MET D 164 -6.82 30.90 25.89
CA MET D 164 -7.44 32.17 25.53
C MET D 164 -6.48 32.88 24.58
N ARG D 165 -6.74 32.74 23.28
CA ARG D 165 -5.75 33.09 22.26
C ARG D 165 -5.47 34.58 22.20
N SER D 166 -6.51 35.41 22.36
CA SER D 166 -6.33 36.84 22.20
C SER D 166 -5.39 37.44 23.22
N MET D 167 -5.22 36.80 24.38
CA MET D 167 -4.39 37.33 25.46
C MET D 167 -3.22 36.41 25.81
N ASP D 168 -2.90 35.47 24.93
CA ASP D 168 -1.73 34.59 25.09
C ASP D 168 -1.72 33.92 26.47
N PHE D 169 -2.88 33.42 26.87
CA PHE D 169 -3.08 32.90 28.22
C PHE D 169 -3.48 31.43 28.14
N LYS D 170 -2.72 30.58 28.81
CA LYS D 170 -3.04 29.17 28.97
C LYS D 170 -3.34 28.91 30.44
N SER D 171 -4.30 28.03 30.71
CA SER D 171 -4.62 27.67 32.08
C SER D 171 -5.03 26.21 32.15
N ASN D 172 -4.75 25.59 33.28
CA ASN D 172 -5.21 24.25 33.59
C ASN D 172 -6.45 24.33 34.48
N SER D 173 -7.30 23.32 34.37
CA SER D 173 -8.52 23.30 35.18
C SER D 173 -9.04 21.87 35.27
N ALA D 174 -9.52 21.51 36.45
CA ALA D 174 -10.22 20.26 36.68
C ALA D 174 -11.52 20.56 37.39
N VAL D 175 -12.53 19.71 37.17
CA VAL D 175 -13.87 19.94 37.68
C VAL D 175 -14.26 18.78 38.59
N ALA D 176 -14.87 19.09 39.73
CA ALA D 176 -15.36 18.10 40.68
C ALA D 176 -16.77 18.48 41.09
N TRP D 177 -17.67 17.50 41.12
CA TRP D 177 -19.06 17.77 41.47
C TRP D 177 -19.64 16.55 42.17
N SER D 178 -20.78 16.77 42.82
CA SER D 178 -21.52 15.75 43.55
C SER D 178 -22.86 16.33 43.96
N ASN D 179 -23.82 15.44 44.23
CA ASN D 179 -25.11 15.84 44.77
C ASN D 179 -25.23 15.65 46.27
N LYS D 180 -24.23 15.03 46.90
CA LYS D 180 -24.22 14.87 48.34
C LYS D 180 -24.23 16.23 49.03
N SER D 181 -24.90 16.30 50.17
CA SER D 181 -25.00 17.55 50.92
C SER D 181 -23.74 17.84 51.73
N ASP D 182 -22.94 16.82 52.03
CA ASP D 182 -21.68 17.02 52.76
C ASP D 182 -20.49 17.25 51.84
N PHE D 183 -20.70 17.25 50.53
CA PHE D 183 -19.63 17.56 49.58
C PHE D 183 -19.38 19.06 49.57
N ALA D 184 -18.13 19.45 49.78
CA ALA D 184 -17.72 20.85 49.76
C ALA D 184 -16.48 21.00 48.91
N CYS D 185 -16.27 22.22 48.39
CA CYS D 185 -15.10 22.48 47.56
C CYS D 185 -13.81 22.46 48.36
N ALA D 186 -13.89 22.62 49.68
CA ALA D 186 -12.67 22.58 50.49
C ALA D 186 -12.06 21.19 50.53
N ASN D 187 -12.90 20.14 50.53
CA ASN D 187 -12.44 18.77 50.60
C ASN D 187 -12.54 18.04 49.26
N ALA D 188 -12.87 18.76 48.18
CA ALA D 188 -13.15 18.09 46.92
C ALA D 188 -11.89 17.44 46.33
N PHE D 189 -10.75 18.13 46.41
CA PHE D 189 -9.51 17.66 45.80
C PHE D 189 -8.50 17.18 46.85
N ASN D 190 -8.98 16.67 47.98
CA ASN D 190 -8.08 16.08 48.96
C ASN D 190 -7.30 14.91 48.37
N ASN D 191 -7.90 14.18 47.43
CA ASN D 191 -7.24 13.03 46.83
C ASN D 191 -5.96 13.40 46.09
N SER D 192 -5.79 14.66 45.71
CA SER D 192 -4.66 15.11 44.93
C SER D 192 -3.67 15.87 45.81
N ILE D 193 -2.43 15.94 45.33
CA ILE D 193 -1.38 16.74 45.95
C ILE D 193 -1.37 18.07 45.23
N ILE D 194 -2.01 19.07 45.83
CA ILE D 194 -2.15 20.40 45.20
C ILE D 194 -1.17 21.36 45.84
N PRO D 195 -0.85 22.49 45.20
CA PRO D 195 0.09 23.44 45.82
C PRO D 195 -0.41 23.92 47.17
N GLU D 196 0.55 24.22 48.05
CA GLU D 196 0.21 24.70 49.39
C GLU D 196 -0.40 26.09 49.34
N ASP D 197 0.03 26.92 48.39
CA ASP D 197 -0.49 28.27 48.22
C ASP D 197 -1.82 28.31 47.48
N THR D 198 -2.49 27.16 47.31
CA THR D 198 -3.77 27.14 46.63
C THR D 198 -4.79 27.99 47.38
N PHE D 199 -5.56 28.76 46.62
CA PHE D 199 -6.44 29.80 47.16
C PHE D 199 -7.85 29.27 47.29
N PHE D 200 -8.36 29.21 48.53
CA PHE D 200 -9.73 28.79 48.81
C PHE D 200 -10.52 29.99 49.32
N PRO D 201 -11.37 30.60 48.50
CA PRO D 201 -12.17 31.73 48.99
C PRO D 201 -13.20 31.28 50.01
N SER D 202 -13.77 32.25 50.71
CA SER D 202 -14.83 32.01 51.68
C SER D 202 -16.18 32.05 50.98
N PRO D 203 -16.80 30.91 50.67
CA PRO D 203 -18.04 30.88 49.91
C PRO D 203 -19.28 31.11 50.77
N ALA E 1 -9.11 13.50 -1.09
CA ALA E 1 -9.68 13.30 0.23
C ALA E 1 -10.32 11.92 0.35
N VAL E 2 -10.58 11.49 1.58
CA VAL E 2 -11.24 10.22 1.86
C VAL E 2 -12.44 10.50 2.76
N PHE E 3 -13.63 10.11 2.30
CA PHE E 3 -14.87 10.41 3.00
C PHE E 3 -15.51 9.13 3.50
N GLN E 4 -15.92 9.13 4.76
CA GLN E 4 -16.57 7.98 5.39
C GLN E 4 -17.95 8.38 5.91
N THR E 5 -18.89 7.43 5.82
CA THR E 5 -20.20 7.54 6.44
C THR E 5 -20.59 6.16 6.91
N PRO E 6 -21.19 6.04 8.10
CA PRO E 6 -21.51 7.17 8.98
C PRO E 6 -20.34 7.57 9.86
N ASN E 7 -20.48 8.67 10.60
CA ASN E 7 -19.47 9.03 11.59
C ASN E 7 -19.65 8.21 12.87
N TYR E 8 -20.90 8.07 13.33
CA TYR E 8 -21.23 7.28 14.50
C TYR E 8 -22.38 6.35 14.16
N HIS E 9 -22.45 5.23 14.88
CA HIS E 9 -23.57 4.29 14.74
C HIS E 9 -23.61 3.40 15.97
N VAL E 10 -24.79 3.26 16.55
CA VAL E 10 -25.02 2.34 17.66
C VAL E 10 -26.11 1.36 17.26
N THR E 11 -25.90 0.09 17.58
CA THR E 11 -26.84 -0.96 17.21
C THR E 11 -26.69 -2.12 18.17
N GLN E 12 -27.59 -3.09 18.04
CA GLN E 12 -27.66 -4.24 18.92
C GLN E 12 -26.98 -5.45 18.29
N VAL E 13 -26.59 -6.40 19.14
CA VAL E 13 -25.97 -7.64 18.68
C VAL E 13 -26.92 -8.36 17.72
N GLY E 14 -26.38 -8.87 16.62
CA GLY E 14 -27.16 -9.56 15.62
C GLY E 14 -27.72 -8.69 14.52
N ASN E 15 -27.53 -7.38 14.59
CA ASN E 15 -28.03 -6.48 13.56
C ASN E 15 -27.02 -6.38 12.41
N GLU E 16 -27.44 -5.68 11.36
CA GLU E 16 -26.63 -5.45 10.18
C GLU E 16 -26.20 -4.00 10.13
N VAL E 17 -24.91 -3.77 9.83
CA VAL E 17 -24.36 -2.43 9.72
C VAL E 17 -23.67 -2.31 8.36
N SER E 18 -23.73 -1.11 7.78
CA SER E 18 -23.18 -0.85 6.46
C SER E 18 -22.36 0.43 6.50
N PHE E 19 -21.09 0.34 6.12
CA PHE E 19 -20.19 1.48 6.04
C PHE E 19 -19.87 1.77 4.57
N ASN E 20 -19.68 3.06 4.28
CA ASN E 20 -19.40 3.49 2.92
C ASN E 20 -18.21 4.45 2.92
N CYS E 21 -17.42 4.38 1.84
CA CYS E 21 -16.21 5.19 1.74
C CYS E 21 -15.97 5.59 0.29
N LYS E 22 -15.53 6.83 0.11
CA LYS E 22 -15.18 7.38 -1.20
C LYS E 22 -13.87 8.12 -1.10
N GLN E 23 -12.97 7.87 -2.05
CA GLN E 23 -11.72 8.61 -2.16
C GLN E 23 -11.67 9.33 -3.50
N THR E 24 -11.21 10.58 -3.48
CA THR E 24 -11.20 11.43 -4.66
C THR E 24 -9.79 11.64 -5.21
N LEU E 25 -8.81 10.91 -4.69
CA LEU E 25 -7.43 11.08 -5.11
C LEU E 25 -7.14 10.46 -6.48
N GLY E 26 -8.04 9.65 -7.01
CA GLY E 26 -7.78 8.93 -8.24
C GLY E 26 -7.02 7.64 -8.05
N HIS E 27 -6.96 7.13 -6.83
CA HIS E 27 -6.16 5.95 -6.52
C HIS E 27 -6.89 4.67 -6.93
N ASP E 28 -6.11 3.60 -7.10
CA ASP E 28 -6.64 2.31 -7.49
C ASP E 28 -6.92 1.38 -6.31
N THR E 29 -6.31 1.63 -5.16
CA THR E 29 -6.35 0.70 -4.03
C THR E 29 -7.01 1.38 -2.83
N MET E 30 -7.93 0.67 -2.18
CA MET E 30 -8.61 1.17 -0.99
C MET E 30 -8.58 0.09 0.09
N TYR E 31 -8.69 0.54 1.34
CA TYR E 31 -8.45 -0.32 2.50
C TYR E 31 -9.50 -0.07 3.57
N TRP E 32 -9.75 -1.10 4.36
CA TRP E 32 -10.51 -0.98 5.60
C TRP E 32 -9.64 -1.43 6.76
N TYR E 33 -9.50 -0.58 7.77
CA TYR E 33 -8.71 -0.86 8.95
C TYR E 33 -9.59 -0.79 10.19
N LYS E 34 -9.27 -1.63 11.17
CA LYS E 34 -9.95 -1.63 12.47
C LYS E 34 -9.01 -1.06 13.52
N GLN E 35 -9.49 -0.06 14.25
CA GLN E 35 -8.73 0.59 15.32
C GLN E 35 -9.51 0.45 16.61
N ASP E 36 -8.88 -0.14 17.63
CA ASP E 36 -9.53 -0.38 18.91
C ASP E 36 -9.10 0.66 19.94
N SER E 37 -9.67 0.55 21.15
CA SER E 37 -9.37 1.50 22.20
C SER E 37 -7.89 1.45 22.60
N LYS E 38 -7.25 0.30 22.40
CA LYS E 38 -5.82 0.14 22.69
C LYS E 38 -4.94 0.77 21.60
N LYS E 39 -5.55 1.45 20.63
CA LYS E 39 -4.83 2.13 19.54
C LYS E 39 -4.04 1.15 18.67
N LEU E 40 -4.57 -0.06 18.49
CA LEU E 40 -4.00 -1.02 17.55
C LEU E 40 -4.68 -0.86 16.19
N LEU E 41 -3.88 -0.82 15.14
CA LEU E 41 -4.33 -0.50 13.79
C LEU E 41 -4.07 -1.71 12.90
N LYS E 42 -5.12 -2.50 12.63
CA LYS E 42 -4.99 -3.75 11.89
C LYS E 42 -5.89 -3.75 10.66
N ILE E 43 -5.36 -4.27 9.55
CA ILE E 43 -6.08 -4.26 8.29
C ILE E 43 -7.16 -5.32 8.30
N MET E 44 -8.27 -5.03 7.60
CA MET E 44 -9.35 -5.97 7.41
C MET E 44 -9.46 -6.42 5.96
N PHE E 45 -9.58 -5.48 5.02
CA PHE E 45 -9.67 -5.81 3.61
C PHE E 45 -8.87 -4.79 2.81
N SER E 46 -8.46 -5.20 1.61
CA SER E 46 -7.85 -4.32 0.64
C SER E 46 -8.38 -4.66 -0.74
N TYR E 47 -8.84 -3.64 -1.46
CA TYR E 47 -9.32 -3.80 -2.83
C TYR E 47 -8.42 -2.99 -3.75
N ASN E 48 -8.14 -3.55 -4.93
CA ASN E 48 -7.42 -2.84 -5.97
C ASN E 48 -8.21 -2.99 -7.28
N ASN E 49 -8.80 -1.90 -7.73
CA ASN E 49 -9.58 -1.86 -8.96
C ASN E 49 -10.66 -2.92 -8.97
N LYS E 50 -11.54 -2.84 -7.96
CA LYS E 50 -12.72 -3.69 -7.79
C LYS E 50 -12.39 -5.15 -7.55
N GLN E 51 -11.13 -5.50 -7.33
CA GLN E 51 -10.71 -6.88 -7.07
C GLN E 51 -10.11 -6.95 -5.66
N LEU E 52 -10.56 -7.93 -4.88
CA LEU E 52 -10.07 -8.09 -3.52
C LEU E 52 -8.68 -8.71 -3.53
N ILE E 53 -7.74 -8.07 -2.85
CA ILE E 53 -6.37 -8.56 -2.75
C ILE E 53 -6.14 -9.17 -1.37
N VAL E 54 -6.38 -8.39 -0.32
CA VAL E 54 -6.06 -8.77 1.04
C VAL E 54 -7.36 -9.02 1.81
N ASN E 55 -7.40 -10.13 2.55
CA ASN E 55 -8.49 -10.41 3.48
C ASN E 55 -7.86 -10.99 4.73
N GLU E 56 -7.85 -10.21 5.80
CA GLU E 56 -7.27 -10.65 7.09
C GLU E 56 -8.38 -10.86 8.11
N THR E 57 -9.62 -10.78 7.65
CA THR E 57 -10.75 -10.80 8.59
C THR E 57 -11.37 -12.17 8.75
N VAL E 58 -12.15 -12.30 9.83
CA VAL E 58 -12.91 -13.53 10.16
C VAL E 58 -13.70 -13.92 8.91
N PRO E 59 -13.61 -15.17 8.44
CA PRO E 59 -14.33 -15.60 7.24
C PRO E 59 -15.85 -15.64 7.44
N ARG E 60 -16.59 -15.24 6.39
CA ARG E 60 -18.07 -15.26 6.31
C ARG E 60 -18.77 -14.26 7.24
N ARG E 61 -18.07 -13.44 8.02
CA ARG E 61 -18.86 -12.50 8.85
C ARG E 61 -19.01 -11.15 8.15
N PHE E 62 -17.99 -10.72 7.42
CA PHE E 62 -18.02 -9.40 6.76
C PHE E 62 -18.33 -9.55 5.27
N SER E 63 -18.68 -8.44 4.63
CA SER E 63 -19.02 -8.46 3.20
C SER E 63 -18.62 -7.13 2.58
N PRO E 64 -17.37 -7.00 2.16
CA PRO E 64 -16.96 -5.80 1.44
C PRO E 64 -17.58 -5.76 0.05
N GLN E 65 -17.54 -4.57 -0.56
CA GLN E 65 -18.13 -4.37 -1.87
C GLN E 65 -17.55 -3.11 -2.48
N SER E 66 -17.28 -3.17 -3.79
CA SER E 66 -16.69 -2.03 -4.50
C SER E 66 -17.18 -2.08 -5.95
N SER E 67 -18.22 -1.31 -6.25
CA SER E 67 -18.68 -1.19 -7.63
C SER E 67 -17.75 -0.30 -8.45
N ASP E 68 -17.06 0.64 -7.80
CA ASP E 68 -16.18 1.57 -8.49
C ASP E 68 -14.81 1.57 -7.82
N LYS E 69 -13.82 2.02 -8.59
CA LYS E 69 -12.45 2.09 -8.08
C LYS E 69 -12.32 3.09 -6.92
N ALA E 70 -13.20 4.09 -6.87
CA ALA E 70 -13.15 5.12 -5.84
C ALA E 70 -14.06 4.83 -4.66
N HIS E 71 -14.85 3.76 -4.72
CA HIS E 71 -15.76 3.40 -3.65
C HIS E 71 -15.31 2.09 -3.01
N LEU E 72 -15.43 2.03 -1.69
CA LEU E 72 -15.17 0.78 -0.95
C LEU E 72 -16.12 0.74 0.23
N ASN E 73 -17.04 -0.22 0.22
CA ASN E 73 -18.08 -0.34 1.24
C ASN E 73 -17.88 -1.60 2.06
N LEU E 74 -18.22 -1.51 3.34
CA LEU E 74 -18.12 -2.63 4.27
C LEU E 74 -19.48 -2.93 4.86
N ARG E 75 -19.78 -4.22 5.02
CA ARG E 75 -21.04 -4.68 5.58
C ARG E 75 -20.76 -5.78 6.59
N ILE E 76 -21.32 -5.64 7.79
CA ILE E 76 -21.20 -6.64 8.85
C ILE E 76 -22.55 -7.32 8.99
N LYS E 77 -22.61 -8.62 8.70
CA LYS E 77 -23.88 -9.33 8.66
C LYS E 77 -24.53 -9.41 10.03
N SER E 78 -23.79 -9.86 11.03
CA SER E 78 -24.25 -9.87 12.42
C SER E 78 -23.14 -9.31 13.30
N VAL E 79 -23.42 -8.21 13.97
CA VAL E 79 -22.41 -7.55 14.80
C VAL E 79 -22.37 -8.23 16.16
N GLU E 80 -21.18 -8.64 16.58
CA GLU E 80 -20.93 -9.08 17.93
C GLU E 80 -20.35 -7.94 18.75
N PRO E 81 -20.44 -8.01 20.09
CA PRO E 81 -19.93 -6.88 20.91
C PRO E 81 -18.47 -6.56 20.66
N GLU E 82 -17.68 -7.53 20.18
CA GLU E 82 -16.27 -7.28 19.90
C GLU E 82 -16.05 -6.45 18.64
N ASP E 83 -17.11 -6.15 17.88
CA ASP E 83 -16.99 -5.32 16.71
C ASP E 83 -16.96 -3.83 17.03
N SER E 84 -17.23 -3.45 18.28
CA SER E 84 -17.17 -2.05 18.68
C SER E 84 -15.75 -1.52 18.53
N ALA E 85 -15.55 -0.59 17.61
CA ALA E 85 -14.24 -0.01 17.34
C ALA E 85 -14.42 1.16 16.39
N VAL E 86 -13.30 1.77 16.01
CA VAL E 86 -13.26 2.80 14.98
C VAL E 86 -12.76 2.14 13.70
N TYR E 87 -13.54 2.24 12.63
CA TYR E 87 -13.21 1.63 11.35
C TYR E 87 -12.75 2.73 10.40
N LEU E 88 -11.50 2.64 9.98
CA LEU E 88 -10.88 3.64 9.12
C LEU E 88 -10.80 3.14 7.68
N CYS E 89 -11.13 4.03 6.76
CA CYS E 89 -10.97 3.77 5.33
C CYS E 89 -9.69 4.45 4.85
N ALA E 90 -8.98 3.80 3.93
CA ALA E 90 -7.72 4.32 3.45
C ALA E 90 -7.58 4.05 1.96
N SER E 91 -6.71 4.83 1.31
CA SER E 91 -6.43 4.67 -0.10
C SER E 91 -4.92 4.77 -0.35
N SER E 92 -4.48 4.13 -1.43
CA SER E 92 -3.10 4.21 -1.87
C SER E 92 -3.08 4.19 -3.39
N LEU E 93 -2.01 4.74 -3.97
CA LEU E 93 -1.95 4.94 -5.42
C LEU E 93 -2.18 3.62 -6.17
N ASP E 94 -1.46 2.57 -5.78
CA ASP E 94 -1.70 1.24 -6.32
C ASP E 94 -1.42 0.23 -5.21
N TRP E 95 -1.37 -1.05 -5.57
CA TRP E 95 -1.17 -2.10 -4.57
C TRP E 95 0.28 -2.24 -4.12
N GLY E 96 1.22 -1.58 -4.80
CA GLY E 96 2.59 -1.56 -4.34
C GLY E 96 2.76 -0.68 -3.13
N VAL E 97 3.96 -0.72 -2.55
CA VAL E 97 4.23 0.06 -1.35
C VAL E 97 3.97 1.53 -1.62
N ASN E 98 3.18 2.16 -0.76
CA ASN E 98 2.75 3.53 -0.98
C ASN E 98 2.35 4.14 0.35
N THR E 99 2.07 5.45 0.30
CA THR E 99 1.49 6.16 1.42
C THR E 99 0.01 5.83 1.53
N LEU E 100 -0.47 5.62 2.75
CA LEU E 100 -1.88 5.42 3.01
C LEU E 100 -2.55 6.75 3.37
N TYR E 101 -3.70 7.02 2.77
CA TYR E 101 -4.46 8.23 3.04
C TYR E 101 -5.79 7.84 3.68
N PHE E 102 -5.99 8.24 4.93
CA PHE E 102 -7.13 7.76 5.72
C PHE E 102 -8.28 8.75 5.73
N GLY E 103 -9.47 8.22 5.99
CA GLY E 103 -10.63 9.04 6.28
C GLY E 103 -10.75 9.35 7.76
N ALA E 104 -11.84 10.02 8.11
CA ALA E 104 -12.03 10.46 9.48
C ALA E 104 -12.31 9.30 10.42
N GLY E 105 -12.95 8.25 9.94
CA GLY E 105 -13.21 7.10 10.78
C GLY E 105 -14.69 6.98 11.14
N THR E 106 -15.13 5.74 11.29
CA THR E 106 -16.49 5.42 11.71
C THR E 106 -16.44 4.77 13.08
N ARG E 107 -17.08 5.39 14.06
CA ARG E 107 -17.12 4.86 15.42
C ARG E 107 -18.37 3.99 15.56
N LEU E 108 -18.17 2.69 15.74
CA LEU E 108 -19.24 1.73 15.88
C LEU E 108 -19.33 1.23 17.31
N SER E 109 -20.54 1.20 17.86
CA SER E 109 -20.81 0.68 19.19
C SER E 109 -21.86 -0.41 19.08
N VAL E 110 -21.48 -1.64 19.44
CA VAL E 110 -22.37 -2.79 19.39
C VAL E 110 -22.72 -3.16 20.83
N LEU E 111 -24.01 -3.16 21.14
CA LEU E 111 -24.49 -3.35 22.50
C LEU E 111 -25.39 -4.58 22.59
N GLU E 112 -25.35 -5.23 23.75
CA GLU E 112 -26.21 -6.39 23.98
C GLU E 112 -27.65 -5.96 24.23
N ASP E 113 -27.85 -4.85 24.93
CA ASP E 113 -29.18 -4.37 25.31
C ASP E 113 -29.30 -2.91 24.89
N LEU E 114 -30.16 -2.65 23.89
CA LEU E 114 -30.37 -1.27 23.43
C LEU E 114 -31.08 -0.41 24.47
N ASN E 115 -31.54 -0.99 25.58
CA ASN E 115 -32.20 -0.21 26.62
C ASN E 115 -31.22 0.52 27.53
N LYS E 116 -29.92 0.28 27.39
CA LYS E 116 -28.92 1.00 28.15
C LYS E 116 -28.39 2.22 27.42
N VAL E 117 -29.01 2.59 26.30
CA VAL E 117 -28.66 3.81 25.57
C VAL E 117 -29.42 4.98 26.17
N PHE E 118 -28.70 6.02 26.57
CA PHE E 118 -29.30 7.21 27.15
C PHE E 118 -28.72 8.46 26.50
N PRO E 119 -29.54 9.48 26.28
CA PRO E 119 -29.01 10.78 25.88
C PRO E 119 -28.42 11.50 27.07
N PRO E 120 -27.63 12.54 26.85
CA PRO E 120 -27.04 13.27 27.98
C PRO E 120 -28.04 14.24 28.59
N GLU E 121 -27.76 14.58 29.84
CA GLU E 121 -28.37 15.73 30.51
C GLU E 121 -27.32 16.82 30.59
N VAL E 122 -27.65 18.02 30.11
CA VAL E 122 -26.69 19.10 29.96
C VAL E 122 -27.09 20.22 30.92
N ALA E 123 -26.10 20.70 31.70
CA ALA E 123 -26.28 21.82 32.59
C ALA E 123 -25.04 22.70 32.52
N VAL E 124 -25.26 24.01 32.52
CA VAL E 124 -24.18 24.99 32.51
C VAL E 124 -24.13 25.67 33.88
N PHE E 125 -22.93 25.97 34.35
CA PHE E 125 -22.72 26.54 35.67
C PHE E 125 -22.01 27.88 35.54
N GLU E 126 -22.60 28.93 36.12
CA GLU E 126 -22.12 30.29 35.96
C GLU E 126 -20.83 30.52 36.73
N PRO E 127 -19.99 31.45 36.26
CA PRO E 127 -18.68 31.66 36.88
C PRO E 127 -18.77 32.06 38.35
N SER E 128 -17.69 31.79 39.06
CA SER E 128 -17.60 32.14 40.48
C SER E 128 -17.25 33.62 40.63
N GLU E 129 -18.02 34.30 41.49
CA GLU E 129 -17.72 35.70 41.79
C GLU E 129 -16.33 35.87 42.39
N ALA E 130 -15.87 34.88 43.16
CA ALA E 130 -14.54 34.94 43.73
C ALA E 130 -13.46 34.87 42.65
N GLU E 131 -13.66 34.01 41.65
CA GLU E 131 -12.72 33.95 40.53
C GLU E 131 -12.70 35.26 39.75
N ILE E 132 -13.83 35.96 39.70
CA ILE E 132 -13.91 37.19 38.92
C ILE E 132 -13.10 38.30 39.58
N SER E 133 -13.13 38.38 40.91
CA SER E 133 -12.42 39.42 41.63
C SER E 133 -10.96 39.07 41.89
N HIS E 134 -10.56 37.80 41.71
CA HIS E 134 -9.18 37.38 41.92
C HIS E 134 -8.36 37.34 40.64
N THR E 135 -8.94 36.85 39.55
CA THR E 135 -8.22 36.70 38.29
C THR E 135 -8.72 37.64 37.19
N GLN E 136 -9.82 38.35 37.41
CA GLN E 136 -10.50 39.15 36.39
C GLN E 136 -10.91 38.32 35.19
N LYS E 137 -11.12 37.01 35.40
CA LYS E 137 -11.60 36.12 34.36
C LYS E 137 -12.83 35.38 34.88
N ALA E 138 -13.60 34.83 33.94
CA ALA E 138 -14.83 34.12 34.25
C ALA E 138 -14.91 32.88 33.37
N THR E 139 -14.96 31.71 33.99
CA THR E 139 -15.06 30.46 33.27
C THR E 139 -16.36 29.76 33.63
N LEU E 140 -17.15 29.44 32.61
CA LEU E 140 -18.35 28.64 32.79
C LEU E 140 -18.00 27.16 32.66
N VAL E 141 -18.79 26.31 33.30
CA VAL E 141 -18.58 24.87 33.29
C VAL E 141 -19.85 24.20 32.79
N CYS E 142 -19.68 23.27 31.86
CA CYS E 142 -20.78 22.51 31.29
C CYS E 142 -20.67 21.05 31.71
N LEU E 143 -21.77 20.47 32.16
CA LEU E 143 -21.81 19.08 32.59
C LEU E 143 -22.80 18.32 31.72
N ALA E 144 -22.28 17.41 30.90
CA ALA E 144 -23.09 16.45 30.16
C ALA E 144 -22.98 15.11 30.88
N THR E 145 -24.09 14.65 31.47
CA THR E 145 -24.06 13.49 32.34
C THR E 145 -25.13 12.48 31.95
N GLY E 146 -24.86 11.21 32.27
CA GLY E 146 -25.83 10.16 32.14
C GLY E 146 -26.05 9.63 30.74
N PHE E 147 -25.12 9.86 29.82
CA PHE E 147 -25.28 9.44 28.44
C PHE E 147 -24.54 8.14 28.16
N PHE E 148 -25.05 7.39 27.19
CA PHE E 148 -24.43 6.15 26.73
C PHE E 148 -25.00 5.82 25.36
N PRO E 149 -24.16 5.42 24.39
CA PRO E 149 -22.71 5.27 24.52
C PRO E 149 -21.94 6.58 24.41
N ASP E 150 -20.61 6.49 24.30
CA ASP E 150 -19.74 7.65 24.25
C ASP E 150 -19.69 8.24 22.83
N HIS E 151 -20.84 8.71 22.37
CA HIS E 151 -21.00 9.30 21.04
C HIS E 151 -21.56 10.72 21.21
N VAL E 152 -20.72 11.64 21.68
CA VAL E 152 -21.14 13.01 21.91
C VAL E 152 -20.14 13.97 21.26
N GLU E 153 -20.63 15.14 20.89
CA GLU E 153 -19.79 16.22 20.38
C GLU E 153 -20.24 17.51 21.06
N LEU E 154 -19.41 18.02 21.95
CA LEU E 154 -19.73 19.22 22.72
C LEU E 154 -19.19 20.46 22.02
N SER E 155 -19.93 21.56 22.13
CA SER E 155 -19.53 22.82 21.53
C SER E 155 -20.10 23.96 22.36
N TRP E 156 -19.43 25.11 22.29
CA TRP E 156 -19.85 26.32 22.99
C TRP E 156 -20.29 27.37 21.98
N TRP E 157 -21.36 28.09 22.31
CA TRP E 157 -21.97 29.07 21.41
C TRP E 157 -22.17 30.37 22.18
N VAL E 158 -21.43 31.40 21.78
CA VAL E 158 -21.52 32.72 22.40
C VAL E 158 -22.18 33.67 21.41
N ASN E 159 -23.35 34.18 21.78
CA ASN E 159 -24.13 35.10 20.96
C ASN E 159 -24.49 34.49 19.60
N GLY E 160 -24.75 33.18 19.56
CA GLY E 160 -25.22 32.53 18.36
C GLY E 160 -24.14 31.99 17.45
N LYS E 161 -22.87 32.30 17.70
CA LYS E 161 -21.76 31.81 16.92
C LYS E 161 -20.94 30.82 17.74
N GLU E 162 -20.45 29.76 17.10
CA GLU E 162 -19.64 28.79 17.80
C GLU E 162 -18.26 29.33 18.08
N VAL E 163 -17.75 29.07 19.28
CA VAL E 163 -16.45 29.56 19.71
C VAL E 163 -15.54 28.38 20.00
N HIS E 164 -14.25 28.59 19.80
CA HIS E 164 -13.23 27.61 20.14
C HIS E 164 -12.18 28.13 21.09
N SER E 165 -11.90 29.43 21.07
CA SER E 165 -10.93 30.00 22.00
C SER E 165 -11.47 29.99 23.42
N GLY E 166 -10.58 29.79 24.38
CA GLY E 166 -10.96 29.68 25.77
C GLY E 166 -11.76 28.44 26.12
N VAL E 167 -11.76 27.44 25.26
CA VAL E 167 -12.56 26.23 25.44
C VAL E 167 -11.64 25.05 25.68
N CYS E 168 -11.96 24.24 26.69
CA CYS E 168 -11.32 22.95 26.89
C CYS E 168 -12.40 21.94 27.24
N THR E 169 -12.47 20.85 26.48
CA THR E 169 -13.37 19.75 26.76
C THR E 169 -12.56 18.50 27.08
N ASP E 170 -13.00 17.76 28.09
CA ASP E 170 -12.31 16.55 28.50
C ASP E 170 -12.10 15.63 27.31
N PRO E 171 -10.87 15.14 27.09
CA PRO E 171 -10.64 14.21 25.98
C PRO E 171 -11.32 12.87 26.19
N GLN E 172 -11.51 12.47 27.45
CA GLN E 172 -12.13 11.20 27.81
C GLN E 172 -13.26 11.45 28.80
N PRO E 173 -14.37 10.75 28.66
CA PRO E 173 -15.40 10.80 29.72
C PRO E 173 -14.93 10.02 30.94
N LEU E 174 -15.71 10.11 32.00
CA LEU E 174 -15.48 9.29 33.18
C LEU E 174 -16.77 8.54 33.50
N LYS E 175 -16.63 7.25 33.79
CA LYS E 175 -17.80 6.41 34.04
C LYS E 175 -18.43 6.79 35.38
N GLU E 176 -19.75 6.94 35.37
CA GLU E 176 -20.46 7.24 36.62
C GLU E 176 -20.34 6.07 37.60
N GLN E 177 -20.36 4.85 37.08
CA GLN E 177 -20.15 3.64 37.87
C GLN E 177 -19.05 2.84 37.19
N PRO E 178 -17.78 3.12 37.50
CA PRO E 178 -16.67 2.45 36.79
C PRO E 178 -16.66 0.94 36.94
N ALA E 179 -17.47 0.38 37.85
CA ALA E 179 -17.52 -1.07 38.00
C ALA E 179 -18.33 -1.73 36.90
N LEU E 180 -19.48 -1.15 36.55
CA LEU E 180 -20.35 -1.74 35.55
C LEU E 180 -19.74 -1.62 34.16
N ASN E 181 -20.08 -2.58 33.30
CA ASN E 181 -19.49 -2.62 31.96
C ASN E 181 -20.11 -1.56 31.06
N ASP E 182 -21.44 -1.46 31.07
CA ASP E 182 -22.15 -0.47 30.26
C ASP E 182 -22.58 0.72 31.11
N SER E 183 -21.63 1.30 31.84
CA SER E 183 -21.92 2.44 32.70
C SER E 183 -22.14 3.69 31.86
N ARG E 184 -23.05 4.53 32.33
CA ARG E 184 -23.31 5.82 31.69
C ARG E 184 -22.18 6.78 32.00
N TYR E 185 -21.94 7.71 31.08
CA TYR E 185 -20.77 8.56 31.11
C TYR E 185 -21.10 9.98 31.56
N ALA E 186 -20.06 10.70 31.95
CA ALA E 186 -20.14 12.12 32.26
C ALA E 186 -19.01 12.84 31.54
N LEU E 187 -19.26 14.10 31.17
CA LEU E 187 -18.29 14.88 30.42
C LEU E 187 -18.40 16.34 30.85
N SER E 188 -17.25 16.96 31.07
CA SER E 188 -17.19 18.36 31.47
C SER E 188 -16.47 19.19 30.40
N SER E 189 -16.79 20.47 30.38
CA SER E 189 -16.17 21.41 29.45
C SER E 189 -16.16 22.79 30.09
N ARG E 190 -15.12 23.56 29.83
CA ARG E 190 -14.98 24.91 30.37
C ARG E 190 -14.88 25.91 29.24
N LEU E 191 -15.54 27.05 29.42
CA LEU E 191 -15.40 28.21 28.55
C LEU E 191 -15.00 29.39 29.43
N ARG E 192 -13.81 29.93 29.20
CA ARG E 192 -13.27 31.02 30.01
C ARG E 192 -13.23 32.30 29.18
N VAL E 193 -13.76 33.38 29.74
CA VAL E 193 -13.78 34.69 29.09
C VAL E 193 -13.26 35.72 30.10
N SER E 194 -13.11 36.95 29.63
CA SER E 194 -12.80 38.05 30.53
C SER E 194 -14.01 38.36 31.42
N ALA E 195 -13.74 39.01 32.55
CA ALA E 195 -14.82 39.32 33.48
C ALA E 195 -15.80 40.31 32.89
N THR E 196 -15.30 41.31 32.14
CA THR E 196 -16.19 42.30 31.54
C THR E 196 -17.11 41.66 30.51
N PHE E 197 -16.65 40.62 29.81
CA PHE E 197 -17.51 39.98 28.83
C PHE E 197 -18.63 39.19 29.50
N TRP E 198 -18.31 38.43 30.56
CA TRP E 198 -19.36 37.74 31.29
C TRP E 198 -20.28 38.71 32.03
N GLN E 199 -19.75 39.84 32.47
CA GLN E 199 -20.56 40.81 33.21
C GLN E 199 -21.45 41.67 32.32
N ASN E 200 -21.50 41.39 31.02
CA ASN E 200 -22.43 42.07 30.13
C ASN E 200 -23.71 41.26 30.04
N PRO E 201 -24.86 41.82 30.44
CA PRO E 201 -26.12 41.05 30.36
C PRO E 201 -26.56 40.76 28.94
N ARG E 202 -26.02 41.45 27.94
CA ARG E 202 -26.40 41.24 26.55
C ARG E 202 -25.72 40.04 25.92
N ASN E 203 -24.79 39.39 26.61
CA ASN E 203 -24.09 38.24 26.09
C ASN E 203 -24.78 36.95 26.49
N HIS E 204 -24.91 36.03 25.53
CA HIS E 204 -25.60 34.77 25.72
C HIS E 204 -24.63 33.62 25.50
N PHE E 205 -24.56 32.70 26.45
CA PHE E 205 -23.68 31.54 26.40
C PHE E 205 -24.52 30.28 26.37
N ARG E 206 -24.16 29.34 25.49
CA ARG E 206 -24.90 28.09 25.36
C ARG E 206 -23.93 26.95 25.16
N CYS E 207 -24.02 25.93 26.01
CA CYS E 207 -23.30 24.68 25.83
C CYS E 207 -24.21 23.68 25.12
N GLN E 208 -23.71 23.10 24.03
CA GLN E 208 -24.49 22.20 23.20
C GLN E 208 -23.76 20.87 23.07
N VAL E 209 -24.48 19.78 23.32
CA VAL E 209 -23.95 18.43 23.18
C VAL E 209 -24.76 17.71 22.11
N GLN E 210 -24.10 17.33 21.01
CA GLN E 210 -24.71 16.55 19.96
C GLN E 210 -24.58 15.07 20.31
N PHE E 211 -25.70 14.43 20.63
CA PHE E 211 -25.71 13.01 20.95
C PHE E 211 -26.11 12.22 19.72
N TYR E 212 -25.38 11.14 19.45
CA TYR E 212 -25.68 10.22 18.36
C TYR E 212 -26.26 8.94 18.95
N GLY E 213 -27.53 8.69 18.66
CA GLY E 213 -28.18 7.51 19.20
C GLY E 213 -28.94 6.71 18.16
N LEU E 214 -30.21 6.45 18.42
CA LEU E 214 -31.00 5.57 17.58
C LEU E 214 -31.60 6.35 16.41
N SER E 215 -32.52 5.73 15.71
CA SER E 215 -33.15 6.31 14.53
C SER E 215 -34.67 6.20 14.68
N GLU E 216 -35.39 7.03 13.93
CA GLU E 216 -36.84 7.00 13.98
C GLU E 216 -37.41 5.66 13.52
N ASN E 217 -36.65 4.91 12.72
CA ASN E 217 -37.07 3.58 12.30
C ASN E 217 -36.80 2.52 13.36
N ASP E 218 -36.06 2.85 14.42
CA ASP E 218 -35.71 1.87 15.44
C ASP E 218 -36.90 1.58 16.36
N GLU E 219 -37.06 0.30 16.68
CA GLU E 219 -38.14 -0.14 17.56
C GLU E 219 -37.78 0.15 19.01
N TRP E 220 -38.60 0.94 19.69
CA TRP E 220 -38.40 1.28 21.10
C TRP E 220 -39.66 0.91 21.85
N THR E 221 -39.53 0.00 22.82
CA THR E 221 -40.66 -0.58 23.52
C THR E 221 -40.62 -0.26 25.01
N GLN E 222 -40.27 0.98 25.36
CA GLN E 222 -40.07 1.35 26.75
C GLN E 222 -40.78 2.65 27.07
N ASP E 223 -40.89 2.93 28.38
CA ASP E 223 -41.59 4.12 28.85
C ASP E 223 -40.82 5.40 28.54
N ARG E 224 -39.49 5.34 28.57
CA ARG E 224 -38.70 6.51 28.18
C ARG E 224 -39.03 6.94 26.76
N ALA E 225 -38.72 8.20 26.47
CA ALA E 225 -38.56 8.65 25.10
C ALA E 225 -37.39 7.90 24.46
N LYS E 226 -37.55 7.57 23.19
CA LYS E 226 -36.49 6.89 22.45
C LYS E 226 -35.21 7.72 22.48
N PRO E 227 -34.07 7.14 22.89
CA PRO E 227 -32.81 7.92 22.90
C PRO E 227 -32.22 8.05 21.50
N VAL E 228 -32.90 8.82 20.66
CA VAL E 228 -32.50 9.04 19.27
C VAL E 228 -31.35 10.04 19.22
N THR E 229 -30.68 10.12 18.07
CA THR E 229 -29.74 11.20 17.81
C THR E 229 -30.44 12.54 18.00
N GLN E 230 -29.87 13.38 18.85
CA GLN E 230 -30.53 14.59 19.29
C GLN E 230 -29.50 15.55 19.85
N ILE E 231 -29.92 16.81 20.01
CA ILE E 231 -29.09 17.86 20.59
C ILE E 231 -29.70 18.27 21.91
N VAL E 232 -28.89 18.32 22.96
CA VAL E 232 -29.31 18.75 24.29
C VAL E 232 -28.43 19.93 24.69
N SER E 233 -29.06 21.02 25.13
CA SER E 233 -28.34 22.25 25.41
C SER E 233 -28.74 22.81 26.77
N ALA E 234 -27.87 23.68 27.27
CA ALA E 234 -28.14 24.50 28.45
C ALA E 234 -27.52 25.87 28.21
N GLU E 235 -28.17 26.91 28.72
CA GLU E 235 -27.78 28.28 28.41
C GLU E 235 -27.67 29.11 29.67
N ALA E 236 -27.01 30.26 29.51
CA ALA E 236 -26.89 31.23 30.59
C ALA E 236 -26.56 32.59 29.97
N TRP E 237 -27.24 33.63 30.43
CA TRP E 237 -26.93 34.98 30.02
C TRP E 237 -25.96 35.63 31.01
N GLY E 238 -25.26 36.64 30.53
CA GLY E 238 -24.32 37.36 31.38
C GLY E 238 -25.01 38.02 32.56
N ARG E 239 -24.21 38.36 33.57
CA ARG E 239 -24.71 38.94 34.80
C ARG E 239 -23.83 40.13 35.19
N ALA E 240 -24.44 41.31 35.34
CA ALA E 240 -23.69 42.48 35.77
C ALA E 240 -23.09 42.30 37.15
N ASP E 241 -23.63 41.40 37.97
CA ASP E 241 -23.07 41.09 39.28
C ASP E 241 -23.39 39.66 39.67
C1 NAG F . -6.72 -25.18 -31.60
C2 NAG F . -7.39 -24.07 -32.42
C3 NAG F . -8.80 -23.80 -31.89
C4 NAG F . -9.61 -25.10 -31.84
C5 NAG F . -8.85 -26.16 -31.04
C6 NAG F . -9.55 -27.50 -31.04
C7 NAG F . -5.89 -22.43 -33.46
C8 NAG F . -5.13 -21.16 -33.27
N2 NAG F . -6.61 -22.85 -32.41
O3 NAG F . -9.45 -22.85 -32.73
O4 NAG F . -10.87 -24.86 -31.22
O5 NAG F . -7.56 -26.35 -31.60
O6 NAG F . -10.37 -27.65 -32.19
O7 NAG F . -5.86 -23.06 -34.51
C1 NAG G . -18.53 1.78 -34.38
C2 NAG G . -19.59 2.87 -34.11
C3 NAG G . -20.85 2.63 -34.95
C4 NAG G . -20.50 2.44 -36.42
C5 NAG G . -19.48 1.32 -36.56
C6 NAG G . -19.03 1.11 -37.99
C7 NAG G . -20.53 2.00 -31.99
C8 NAG G . -20.79 2.31 -30.55
N2 NAG G . -19.93 2.97 -32.70
O3 NAG G . -21.74 3.74 -34.80
O4 NAG G . -21.67 2.12 -37.16
O5 NAG G . -18.31 1.65 -35.80
O6 NAG G . -18.14 0.01 -38.09
O7 NAG G . -20.84 0.92 -32.49
C1 GOL H . 13.41 -9.55 -25.94
O1 GOL H . 12.13 -10.09 -25.97
C2 GOL H . 13.26 -8.10 -25.45
O2 GOL H . 12.29 -7.41 -26.17
C3 GOL H . 14.66 -7.47 -25.59
O3 GOL H . 14.51 -6.08 -25.52
C1 NAG I . 31.39 2.32 -16.01
C2 NAG I . 32.56 2.95 -16.77
C3 NAG I . 33.85 2.80 -15.97
C4 NAG I . 33.68 3.36 -14.57
C5 NAG I . 32.47 2.72 -13.89
C6 NAG I . 32.16 3.31 -12.53
C7 NAG I . 32.45 3.03 -19.22
C8 NAG I . 32.64 2.27 -20.50
N2 NAG I . 32.70 2.36 -18.09
O3 NAG I . 34.91 3.48 -16.65
O4 NAG I . 34.84 3.10 -13.80
O5 NAG I . 31.30 2.91 -14.70
O6 NAG I . 33.34 3.77 -11.88
O7 NAG I . 32.06 4.19 -19.21
C1 GOL J . 14.59 -26.61 -23.08
O1 GOL J . 14.12 -26.00 -21.92
C2 GOL J . 15.79 -27.50 -22.68
O2 GOL J . 16.72 -26.81 -21.91
C3 GOL J . 16.38 -27.99 -24.02
O3 GOL J . 17.57 -28.66 -23.71
C1 GOL K . 12.19 7.09 -29.03
O1 GOL K . 10.82 7.22 -29.27
C2 GOL K . 12.51 5.57 -29.05
O2 GOL K . 11.91 4.93 -30.13
C3 GOL K . 12.00 5.03 -27.69
O3 GOL K . 12.33 3.67 -27.63
C1 GOL L . 17.70 9.86 14.80
O1 GOL L . 17.19 10.41 13.59
C2 GOL L . 17.81 8.36 14.73
O2 GOL L . 16.51 7.77 14.58
C3 GOL L . 18.52 7.74 15.92
O3 GOL L . 18.62 6.32 15.81
#